data_6M76
#
_entry.id   6M76
#
_cell.length_a   82.438
_cell.length_b   82.971
_cell.length_c   149.683
_cell.angle_alpha   90.000
_cell.angle_beta   90.000
_cell.angle_gamma   90.000
#
_symmetry.space_group_name_H-M   'P 21 21 21'
#
loop_
_entity.id
_entity.type
_entity.pdbx_description
1 polymer 'LPXTG-motif cell wall anchor domain protein'
2 non-polymer 1,2-ETHANEDIOL
3 water water
#
_entity_poly.entity_id   1
_entity_poly.type   'polypeptide(L)'
_entity_poly.pdbx_seq_one_letter_code
;MGSSHHHHHHSSGLVPRGSHMQEQTAKEDVADSATSVGAIVSIEKAEKNFVITYASGKKAQISILNDHLFRYHLDPTGKF
EEYPTPNDPKHVAKITAKTMADYGTQAFEQTNVTDSGNQFILENNGLKIIFEKESALMKVLDKKKNQVILEETAPLSFKN
DKATQTLKQSSQENYFGGGTQNGRFTHKGTAIQIVNTNNWVDGGVASPNPFYWSTAGYGVVRNTWKPGNYDFGSHDPQTT
TTTHEGTDFDAFYFFNDSSAGILKDYYELTGKPALMPEYGFYEAHLNAYNRDYWVKVAEGTAGAVKFEDGNFYKEYQPGD
LGNLNGTLESLNGEKENYQFSARAVIDRYKKNDMPLGWFLPNDGYGAGYGQTDSLDGDVQNLKEFTDYAQANGVEVGLWT
QSNLHPADPKNPKKGERDIAKEVSVAGVKALKTDVAWVGYGYSFGLNGVEDAANVFVKETDGAVRPMIVSLDGWAGTQRH
AGIWTGDQTGGQWEYIRFHIPTYIGTSLSGQPNVGSDMDGIFGGKNKEVNIRDFQWKTFTPVQLNMDGWGSNPKTPFAFD
QEATDLNRAYLKLKSMMMPYNYSIAKESVDGLPMVRAMALEFPNEGTAYTKDSQYQYMWGPNLLVAPIYNGNQDEAGNSI
RDGIYLPDEKQVWVDLFTGEKYQGGRVLNGVKTPLWKVPVFVKDGSIIPMTNPNNNPKEIQRDQRSFLIYPNGATSFNMY
EDDGISTSYEAGQSATTKINSQGPKSNEKGDLTVTIEPTKGSYKDFVDERSTTLDLLASEAPESVTAMVGGTEVTLKQAA
NKEEFLAGTNLYYFDKEFQVNQYLSEASGEKLNQSALSVKLAKQSVTAKDVQITVKGFINKGTVDGGNTTVDDQLTIPAN
IAINEEKTTPSSLTLQWDQVTEATSYEVERDGTVFGNIQTNTATFDGFSFLSEHTFRVRAVGKNGVSEWSEPIKGKTQDD
PYK
;
_entity_poly.pdbx_strand_id   A
#
# COMPACT_ATOMS: atom_id res chain seq x y z
N SER A 36 -25.44 26.76 -19.90
CA SER A 36 -26.83 27.15 -19.52
C SER A 36 -26.82 28.33 -18.52
N VAL A 37 -25.77 28.43 -17.70
CA VAL A 37 -25.68 29.49 -16.63
C VAL A 37 -25.36 30.84 -17.29
N GLY A 38 -24.66 30.82 -18.43
CA GLY A 38 -24.37 32.02 -19.23
C GLY A 38 -23.15 32.79 -18.71
N ALA A 39 -23.04 34.06 -19.11
CA ALA A 39 -21.87 34.92 -18.86
C ALA A 39 -21.78 35.27 -17.37
N ILE A 40 -20.59 35.64 -16.90
CA ILE A 40 -20.41 36.25 -15.56
C ILE A 40 -20.68 37.76 -15.69
N VAL A 41 -21.58 38.29 -14.86
CA VAL A 41 -21.90 39.76 -14.85
C VAL A 41 -21.21 40.45 -13.67
N SER A 42 -20.90 39.75 -12.58
CA SER A 42 -20.19 40.33 -11.42
C SER A 42 -19.50 39.24 -10.59
N ILE A 43 -18.37 39.59 -9.99
CA ILE A 43 -17.79 38.87 -8.83
C ILE A 43 -17.56 39.91 -7.71
N GLU A 44 -18.27 39.74 -6.60
CA GLU A 44 -18.22 40.61 -5.41
C GLU A 44 -17.52 39.88 -4.26
N LYS A 45 -16.68 40.57 -3.51
CA LYS A 45 -16.12 40.04 -2.25
C LYS A 45 -17.14 40.28 -1.13
N ALA A 46 -17.84 39.22 -0.72
CA ALA A 46 -18.85 39.29 0.34
C ALA A 46 -18.15 39.14 1.69
N GLU A 47 -18.92 38.94 2.76
CA GLU A 47 -18.35 38.85 4.12
C GLU A 47 -17.38 37.66 4.20
N LYS A 48 -17.71 36.53 3.57
CA LYS A 48 -17.00 35.25 3.83
C LYS A 48 -16.47 34.60 2.55
N ASN A 49 -16.97 34.97 1.38
CA ASN A 49 -16.58 34.34 0.10
C ASN A 49 -16.75 35.35 -1.04
N PHE A 50 -16.32 34.98 -2.23
CA PHE A 50 -16.59 35.72 -3.48
C PHE A 50 -17.88 35.17 -4.08
N VAL A 51 -18.82 36.07 -4.37
CA VAL A 51 -20.11 35.71 -5.01
C VAL A 51 -20.00 36.02 -6.50
N ILE A 52 -20.16 35.00 -7.32
CA ILE A 52 -20.24 35.08 -8.79
C ILE A 52 -21.71 35.12 -9.19
N THR A 53 -22.15 36.16 -9.88
CA THR A 53 -23.50 36.22 -10.48
C THR A 53 -23.39 36.00 -11.97
N TYR A 54 -24.17 35.06 -12.49
CA TYR A 54 -24.23 34.72 -13.93
C TYR A 54 -25.44 35.41 -14.55
N ALA A 55 -25.46 35.53 -15.88
CA ALA A 55 -26.49 36.27 -16.65
C ALA A 55 -27.87 35.65 -16.42
N SER A 56 -27.91 34.34 -16.21
CA SER A 56 -29.15 33.55 -15.92
C SER A 56 -29.75 33.97 -14.56
N GLY A 57 -28.98 34.67 -13.71
CA GLY A 57 -29.37 35.02 -12.33
C GLY A 57 -28.86 34.00 -11.32
N LYS A 58 -28.34 32.87 -11.80
CA LYS A 58 -27.71 31.83 -10.96
C LYS A 58 -26.42 32.40 -10.34
N LYS A 59 -26.01 31.84 -9.21
CA LYS A 59 -24.86 32.35 -8.44
C LYS A 59 -23.93 31.20 -8.08
N ALA A 60 -22.67 31.52 -7.90
CA ALA A 60 -21.68 30.61 -7.29
C ALA A 60 -20.95 31.34 -6.17
N GLN A 61 -20.47 30.57 -5.20
CA GLN A 61 -19.60 31.07 -4.11
C GLN A 61 -18.23 30.44 -4.31
N ILE A 62 -17.19 31.26 -4.37
CA ILE A 62 -15.77 30.81 -4.27
C ILE A 62 -15.31 31.11 -2.86
N SER A 63 -14.96 30.09 -2.10
CA SER A 63 -14.39 30.23 -0.74
C SER A 63 -12.89 29.95 -0.82
N ILE A 64 -12.07 30.89 -0.36
CA ILE A 64 -10.59 30.69 -0.31
C ILE A 64 -10.28 30.13 1.07
N LEU A 65 -9.85 28.87 1.16
CA LEU A 65 -9.66 28.22 2.48
C LEU A 65 -8.21 28.42 2.93
N ASN A 66 -7.26 28.25 2.02
CA ASN A 66 -5.84 28.57 2.27
C ASN A 66 -5.26 29.07 0.95
N ASP A 67 -3.96 29.37 0.93
CA ASP A 67 -3.35 30.04 -0.26
C ASP A 67 -3.34 29.11 -1.47
N HIS A 68 -3.69 27.82 -1.32
CA HIS A 68 -3.67 26.87 -2.46
C HIS A 68 -4.89 25.97 -2.49
N LEU A 69 -5.96 26.34 -1.78
CA LEU A 69 -7.18 25.52 -1.73
C LEU A 69 -8.40 26.44 -1.80
N PHE A 70 -9.32 26.15 -2.71
CA PHE A 70 -10.60 26.89 -2.77
C PHE A 70 -11.75 25.94 -3.06
N ARG A 71 -12.91 26.36 -2.62
CA ARG A 71 -14.19 25.68 -2.90
C ARG A 71 -14.94 26.49 -3.96
N TYR A 72 -15.44 25.84 -4.99
CA TYR A 72 -16.38 26.45 -5.96
C TYR A 72 -17.71 25.73 -5.82
N HIS A 73 -18.76 26.48 -5.50
CA HIS A 73 -20.13 25.97 -5.31
C HIS A 73 -21.08 26.78 -6.19
N LEU A 74 -21.54 26.20 -7.29
CA LEU A 74 -22.70 26.73 -8.06
C LEU A 74 -23.94 25.95 -7.63
N ASP A 75 -24.82 26.60 -6.88
CA ASP A 75 -26.05 26.03 -6.25
C ASP A 75 -27.22 26.59 -7.06
N PRO A 76 -27.56 26.00 -8.24
CA PRO A 76 -28.53 26.60 -9.14
C PRO A 76 -29.93 26.69 -8.52
N THR A 77 -30.08 26.17 -7.30
CA THR A 77 -31.33 26.10 -6.50
C THR A 77 -31.27 27.12 -5.35
N GLY A 78 -30.08 27.51 -4.87
CA GLY A 78 -29.83 28.81 -4.20
C GLY A 78 -29.53 28.79 -2.70
N LYS A 79 -29.39 27.63 -2.04
CA LYS A 79 -29.30 27.52 -0.55
C LYS A 79 -27.88 27.75 -0.01
N PHE A 80 -26.84 27.23 -0.67
CA PHE A 80 -25.40 27.36 -0.28
C PHE A 80 -25.18 26.92 1.18
N GLU A 81 -25.74 25.78 1.57
CA GLU A 81 -25.56 25.22 2.93
C GLU A 81 -24.25 24.42 2.93
N GLU A 82 -23.58 24.34 4.09
CA GLU A 82 -22.16 23.94 4.15
C GLU A 82 -22.01 22.52 3.57
N TYR A 83 -22.98 21.61 3.71
CA TYR A 83 -22.76 20.17 3.48
C TYR A 83 -23.73 19.62 2.43
N PRO A 84 -23.30 18.67 1.57
CA PRO A 84 -24.21 18.04 0.61
C PRO A 84 -25.23 17.14 1.31
N THR A 85 -26.40 16.99 0.70
CA THR A 85 -27.49 16.13 1.20
C THR A 85 -27.09 14.67 1.10
N PRO A 86 -27.04 13.93 2.24
CA PRO A 86 -26.66 12.52 2.22
C PRO A 86 -27.83 11.63 1.78
N ASN A 87 -27.60 10.32 1.72
CA ASN A 87 -28.55 9.35 1.13
C ASN A 87 -29.73 9.14 2.07
N ASP A 88 -29.54 9.42 3.37
CA ASP A 88 -30.56 9.28 4.45
C ASP A 88 -30.33 10.41 5.45
N PRO A 89 -31.36 11.11 5.99
CA PRO A 89 -31.09 12.20 6.92
C PRO A 89 -30.44 11.77 8.26
N LYS A 90 -30.43 10.47 8.59
CA LYS A 90 -29.69 9.98 9.78
C LYS A 90 -28.17 9.99 9.53
N HIS A 91 -27.72 10.11 8.28
CA HIS A 91 -26.29 10.04 7.92
C HIS A 91 -25.61 11.39 8.14
N VAL A 92 -25.02 11.56 9.32
CA VAL A 92 -24.48 12.87 9.78
C VAL A 92 -22.96 12.95 9.60
N ALA A 93 -22.27 11.84 9.29
CA ALA A 93 -20.82 11.85 9.01
C ALA A 93 -20.58 12.71 7.76
N LYS A 94 -19.60 13.59 7.83
CA LYS A 94 -19.31 14.54 6.73
C LYS A 94 -18.09 14.10 5.93
N ILE A 95 -18.13 14.33 4.62
CA ILE A 95 -16.93 14.16 3.76
C ILE A 95 -15.77 14.94 4.37
N THR A 96 -15.96 16.22 4.66
CA THR A 96 -14.88 17.02 5.25
C THR A 96 -14.69 16.70 6.73
N ALA A 97 -13.42 16.67 7.13
CA ALA A 97 -12.98 16.49 8.54
C ALA A 97 -12.63 17.83 9.18
N LYS A 98 -12.56 18.87 8.38
CA LYS A 98 -12.18 20.24 8.78
C LYS A 98 -13.22 21.16 8.19
N THR A 99 -13.91 21.93 9.03
CA THR A 99 -14.97 22.85 8.59
C THR A 99 -14.36 24.04 7.84
N MET A 100 -15.17 24.71 7.03
CA MET A 100 -14.75 25.93 6.31
C MET A 100 -14.17 26.93 7.33
N ALA A 101 -14.90 27.14 8.43
CA ALA A 101 -14.51 28.08 9.52
C ALA A 101 -13.14 27.71 10.09
N ASP A 102 -12.88 26.40 10.23
CA ASP A 102 -11.65 25.87 10.85
C ASP A 102 -10.42 26.29 10.02
N TYR A 103 -10.55 26.52 8.71
CA TYR A 103 -9.42 26.96 7.86
C TYR A 103 -9.07 28.43 8.16
N GLY A 104 -10.00 29.18 8.76
CA GLY A 104 -9.78 30.60 9.08
C GLY A 104 -10.02 31.51 7.89
N THR A 105 -9.92 32.82 8.09
CA THR A 105 -10.33 33.84 7.09
C THR A 105 -9.10 34.49 6.44
N GLN A 106 -7.90 34.13 6.87
CA GLN A 106 -6.66 34.85 6.48
C GLN A 106 -6.48 34.76 4.96
N ALA A 107 -6.64 33.58 4.35
CA ALA A 107 -6.36 33.42 2.91
C ALA A 107 -7.39 34.21 2.08
N PHE A 108 -8.64 34.25 2.52
CA PHE A 108 -9.74 35.02 1.88
C PHE A 108 -9.42 36.52 1.98
N GLU A 109 -9.01 36.97 3.17
CA GLU A 109 -8.66 38.39 3.42
C GLU A 109 -7.54 38.80 2.47
N GLN A 110 -6.61 37.89 2.19
CA GLN A 110 -5.39 38.13 1.39
C GLN A 110 -5.61 37.72 -0.08
N THR A 111 -6.87 37.60 -0.53
CA THR A 111 -7.23 37.39 -1.96
C THR A 111 -8.01 38.63 -2.45
N ASN A 112 -7.63 39.19 -3.59
CA ASN A 112 -8.25 40.41 -4.17
C ASN A 112 -8.97 40.03 -5.45
N VAL A 113 -10.15 40.61 -5.68
CA VAL A 113 -10.86 40.49 -6.99
C VAL A 113 -10.61 41.77 -7.80
N THR A 114 -10.31 41.61 -9.10
CA THR A 114 -10.14 42.74 -10.04
C THR A 114 -10.87 42.43 -11.33
N ASP A 115 -11.13 43.48 -12.11
CA ASP A 115 -11.95 43.47 -13.34
C ASP A 115 -11.06 43.95 -14.48
N SER A 116 -10.25 43.07 -15.06
CA SER A 116 -9.30 43.36 -16.16
C SER A 116 -9.98 43.06 -17.49
N GLY A 117 -10.91 43.93 -17.91
CA GLY A 117 -11.49 43.96 -19.26
C GLY A 117 -12.40 42.77 -19.53
N ASN A 118 -11.86 41.72 -20.14
CA ASN A 118 -12.63 40.52 -20.58
C ASN A 118 -12.60 39.42 -19.50
N GLN A 119 -11.93 39.65 -18.37
CA GLN A 119 -11.79 38.66 -17.26
C GLN A 119 -12.07 39.30 -15.89
N PHE A 120 -12.65 38.53 -14.96
CA PHE A 120 -12.55 38.77 -13.50
C PHE A 120 -11.40 37.89 -13.01
N ILE A 121 -10.55 38.40 -12.11
CA ILE A 121 -9.39 37.66 -11.56
C ILE A 121 -9.46 37.72 -10.04
N LEU A 122 -9.33 36.56 -9.39
CA LEU A 122 -9.05 36.44 -7.94
C LEU A 122 -7.57 36.13 -7.77
N GLU A 123 -6.84 36.93 -7.01
CA GLU A 123 -5.38 36.76 -6.91
C GLU A 123 -4.98 36.81 -5.44
N ASN A 124 -4.13 35.87 -5.05
CA ASN A 124 -3.43 35.86 -3.74
C ASN A 124 -1.95 35.62 -4.03
N ASN A 125 -1.15 35.33 -3.01
CA ASN A 125 0.33 35.17 -3.13
C ASN A 125 0.68 34.05 -4.12
N GLY A 126 -0.12 32.98 -4.20
CA GLY A 126 0.26 31.75 -4.94
C GLY A 126 -0.52 31.54 -6.24
N LEU A 127 -1.76 32.01 -6.33
CA LEU A 127 -2.66 31.69 -7.47
C LEU A 127 -3.29 32.93 -8.08
N LYS A 128 -3.56 32.84 -9.38
CA LYS A 128 -4.57 33.66 -10.08
C LYS A 128 -5.68 32.71 -10.50
N ILE A 129 -6.89 32.95 -10.02
CA ILE A 129 -8.11 32.25 -10.49
C ILE A 129 -8.80 33.19 -11.47
N ILE A 130 -8.75 32.85 -12.76
CA ILE A 130 -9.13 33.75 -13.88
C ILE A 130 -10.47 33.27 -14.45
N PHE A 131 -11.46 34.14 -14.52
CA PHE A 131 -12.78 33.86 -15.11
C PHE A 131 -12.97 34.69 -16.37
N GLU A 132 -13.08 34.06 -17.54
CA GLU A 132 -13.49 34.78 -18.78
C GLU A 132 -14.94 35.22 -18.58
N LYS A 133 -15.24 36.50 -18.76
CA LYS A 133 -16.60 37.02 -18.45
C LYS A 133 -17.64 36.37 -19.37
N GLU A 134 -17.40 36.36 -20.68
CA GLU A 134 -18.44 35.99 -21.67
C GLU A 134 -18.71 34.48 -21.56
N SER A 135 -17.63 33.69 -21.54
CA SER A 135 -17.69 32.20 -21.61
C SER A 135 -17.88 31.61 -20.21
N ALA A 136 -17.57 32.39 -19.17
CA ALA A 136 -17.64 31.99 -17.74
C ALA A 136 -16.57 30.95 -17.41
N LEU A 137 -15.62 30.68 -18.32
CA LEU A 137 -14.61 29.60 -18.13
C LEU A 137 -13.57 30.02 -17.10
N MET A 138 -13.25 29.10 -16.20
CA MET A 138 -12.24 29.27 -15.14
C MET A 138 -10.91 28.66 -15.60
N LYS A 139 -9.83 29.35 -15.31
CA LYS A 139 -8.49 28.74 -15.36
C LYS A 139 -7.71 29.22 -14.14
N VAL A 140 -6.70 28.44 -13.75
CA VAL A 140 -5.90 28.72 -12.53
C VAL A 140 -4.44 28.80 -12.94
N LEU A 141 -3.83 29.96 -12.69
CA LEU A 141 -2.39 30.17 -12.97
C LEU A 141 -1.65 29.96 -11.67
N ASP A 142 -0.70 29.03 -11.64
CA ASP A 142 0.26 28.89 -10.52
C ASP A 142 1.32 29.96 -10.71
N LYS A 143 1.39 30.94 -9.80
CA LYS A 143 2.29 32.12 -9.91
C LYS A 143 3.76 31.65 -9.79
N LYS A 144 4.06 30.72 -8.89
CA LYS A 144 5.44 30.20 -8.69
C LYS A 144 5.98 29.65 -10.03
N LYS A 145 5.19 28.81 -10.71
CA LYS A 145 5.58 28.18 -12.01
C LYS A 145 5.32 29.14 -13.17
N ASN A 146 4.42 30.13 -12.99
CA ASN A 146 3.93 31.02 -14.06
C ASN A 146 3.37 30.15 -15.18
N GLN A 147 2.58 29.14 -14.81
CA GLN A 147 1.96 28.18 -15.76
C GLN A 147 0.47 28.06 -15.42
N VAL A 148 -0.38 27.96 -16.44
CA VAL A 148 -1.81 27.61 -16.21
C VAL A 148 -1.87 26.11 -15.91
N ILE A 149 -2.34 25.77 -14.71
CA ILE A 149 -2.34 24.38 -14.14
C ILE A 149 -3.68 23.69 -14.45
N LEU A 150 -4.76 24.45 -14.53
CA LEU A 150 -6.13 23.92 -14.71
C LEU A 150 -6.87 24.89 -15.61
N GLU A 151 -7.58 24.41 -16.62
CA GLU A 151 -8.29 25.31 -17.56
C GLU A 151 -9.58 24.65 -18.03
N GLU A 152 -10.73 25.28 -17.79
CA GLU A 152 -12.00 24.80 -18.35
C GLU A 152 -12.01 25.10 -19.84
N THR A 153 -12.47 24.15 -20.65
CA THR A 153 -12.58 24.31 -22.12
C THR A 153 -14.04 24.32 -22.57
N ALA A 154 -15.00 24.08 -21.69
CA ALA A 154 -16.43 24.28 -21.95
C ALA A 154 -17.08 24.57 -20.61
N PRO A 155 -18.20 25.33 -20.58
CA PRO A 155 -18.81 25.71 -19.32
C PRO A 155 -19.39 24.49 -18.61
N LEU A 156 -19.53 24.57 -17.29
CA LEU A 156 -20.26 23.55 -16.49
C LEU A 156 -21.58 23.24 -17.21
N SER A 157 -21.90 21.96 -17.35
CA SER A 157 -23.14 21.46 -17.98
C SER A 157 -24.02 20.82 -16.90
N PHE A 158 -25.31 21.16 -16.86
CA PHE A 158 -26.26 20.63 -15.84
C PHE A 158 -27.36 19.81 -16.52
N LYS A 159 -27.16 19.44 -17.78
CA LYS A 159 -28.12 18.63 -18.58
C LYS A 159 -28.31 17.26 -17.91
N ASN A 160 -29.53 16.74 -17.97
CA ASN A 160 -29.87 15.31 -17.70
C ASN A 160 -29.52 14.97 -16.24
N ASP A 161 -29.83 15.86 -15.30
CA ASP A 161 -29.73 15.63 -13.84
C ASP A 161 -28.28 15.22 -13.52
N LYS A 162 -27.31 15.82 -14.19
CA LYS A 162 -25.87 15.59 -13.96
C LYS A 162 -25.16 16.95 -13.90
N ALA A 163 -23.98 16.97 -13.31
CA ALA A 163 -23.14 18.17 -13.18
C ALA A 163 -21.76 17.81 -13.74
N THR A 164 -21.43 18.33 -14.92
CA THR A 164 -20.23 17.96 -15.69
C THR A 164 -19.30 19.17 -15.84
N GLN A 165 -18.02 18.98 -15.51
CA GLN A 165 -16.92 19.94 -15.75
C GLN A 165 -16.06 19.42 -16.90
N THR A 166 -15.63 20.33 -17.77
CA THR A 166 -14.84 20.00 -18.96
C THR A 166 -13.51 20.76 -18.91
N LEU A 167 -12.41 20.02 -18.85
CA LEU A 167 -11.05 20.57 -18.65
C LEU A 167 -10.12 20.19 -19.80
N LYS A 168 -9.18 21.07 -20.06
CA LYS A 168 -8.05 20.78 -20.93
C LYS A 168 -7.24 19.64 -20.33
N GLN A 169 -6.78 18.76 -21.20
CA GLN A 169 -5.77 17.72 -20.88
C GLN A 169 -4.55 17.95 -21.75
N SER A 170 -3.36 18.03 -21.15
CA SER A 170 -2.08 18.23 -21.88
C SER A 170 -1.44 16.88 -22.18
N SER A 171 -0.49 16.84 -23.13
CA SER A 171 0.04 15.58 -23.70
C SER A 171 0.71 14.73 -22.62
N GLN A 172 1.39 15.34 -21.64
CA GLN A 172 2.17 14.60 -20.62
C GLN A 172 1.39 14.55 -19.29
N GLU A 173 0.14 14.99 -19.28
CA GLU A 173 -0.69 15.06 -18.05
C GLU A 173 -1.19 13.67 -17.71
N ASN A 174 -0.91 13.23 -16.48
CA ASN A 174 -1.35 11.91 -15.98
C ASN A 174 -2.32 12.10 -14.82
N TYR A 175 -3.13 11.09 -14.56
CA TYR A 175 -4.21 11.19 -13.56
C TYR A 175 -4.23 9.97 -12.68
N PHE A 176 -4.46 10.22 -11.39
CA PHE A 176 -4.56 9.18 -10.33
C PHE A 176 -5.82 9.42 -9.53
N GLY A 177 -6.20 8.38 -8.80
CA GLY A 177 -7.28 8.50 -7.81
C GLY A 177 -8.49 7.68 -8.17
N GLY A 178 -9.64 8.12 -7.67
CA GLY A 178 -10.92 7.45 -7.91
C GLY A 178 -11.22 6.35 -6.93
N GLY A 179 -10.34 6.15 -5.98
CA GLY A 179 -10.49 5.09 -4.97
C GLY A 179 -9.89 3.78 -5.44
N THR A 180 -10.49 2.66 -5.03
CA THR A 180 -10.07 1.29 -5.34
C THR A 180 -10.65 0.92 -6.70
N GLN A 181 -9.89 1.23 -7.74
CA GLN A 181 -10.28 1.06 -9.16
C GLN A 181 -9.68 -0.26 -9.60
N ASN A 182 -10.42 -1.35 -9.41
CA ASN A 182 -9.89 -2.71 -9.46
C ASN A 182 -9.12 -2.93 -10.76
N GLY A 183 -7.85 -3.32 -10.64
CA GLY A 183 -6.97 -3.63 -11.78
C GLY A 183 -6.23 -2.41 -12.32
N ARG A 184 -6.44 -1.22 -11.78
CA ARG A 184 -5.98 0.03 -12.41
C ARG A 184 -5.38 1.01 -11.42
N PHE A 185 -4.47 1.87 -11.89
CA PHE A 185 -3.95 2.98 -11.05
C PHE A 185 -3.69 4.26 -11.84
N THR A 186 -3.37 4.18 -13.15
CA THR A 186 -2.97 5.37 -13.94
C THR A 186 -4.05 5.56 -15.02
N HIS A 187 -4.76 6.68 -15.00
CA HIS A 187 -6.08 6.75 -15.68
C HIS A 187 -6.08 7.54 -16.99
N LYS A 188 -4.98 8.15 -17.40
CA LYS A 188 -4.94 8.90 -18.67
C LYS A 188 -5.44 8.00 -19.80
N GLY A 189 -6.35 8.51 -20.63
CA GLY A 189 -6.86 7.81 -21.82
C GLY A 189 -7.93 6.79 -21.46
N THR A 190 -8.47 6.87 -20.24
CA THR A 190 -9.50 5.93 -19.75
C THR A 190 -10.60 6.71 -19.02
N ALA A 191 -11.76 6.09 -18.90
CA ALA A 191 -12.84 6.53 -18.01
C ALA A 191 -12.84 5.63 -16.79
N ILE A 192 -13.11 6.21 -15.63
CA ILE A 192 -13.36 5.43 -14.39
C ILE A 192 -14.73 5.81 -13.85
N GLN A 193 -15.39 4.83 -13.27
CA GLN A 193 -16.69 5.03 -12.61
C GLN A 193 -16.47 5.29 -11.11
N ILE A 194 -17.01 6.40 -10.63
CA ILE A 194 -16.97 6.74 -9.18
C ILE A 194 -18.28 6.25 -8.61
N VAL A 195 -18.38 4.93 -8.55
CA VAL A 195 -19.66 4.22 -8.27
C VAL A 195 -19.40 3.13 -7.24
N ASN A 196 -20.36 2.94 -6.33
CA ASN A 196 -20.39 1.80 -5.41
C ASN A 196 -20.80 0.52 -6.17
N THR A 197 -19.89 -0.05 -6.95
CA THR A 197 -20.23 -1.15 -7.89
C THR A 197 -20.57 -2.45 -7.18
N ASN A 198 -20.05 -2.69 -5.96
CA ASN A 198 -20.18 -4.03 -5.32
C ASN A 198 -19.59 -5.08 -6.26
N ASN A 199 -18.57 -4.72 -7.03
CA ASN A 199 -17.83 -5.57 -7.99
C ASN A 199 -16.39 -5.65 -7.47
N TRP A 200 -15.98 -6.87 -7.09
CA TRP A 200 -14.68 -7.11 -6.40
C TRP A 200 -13.58 -7.52 -7.35
N VAL A 201 -13.85 -7.68 -8.65
CA VAL A 201 -12.82 -8.22 -9.57
C VAL A 201 -12.33 -7.17 -10.54
N ASP A 202 -11.35 -7.55 -11.36
CA ASP A 202 -10.76 -6.63 -12.35
C ASP A 202 -11.86 -5.85 -13.06
N GLY A 203 -11.71 -4.54 -13.17
CA GLY A 203 -12.67 -3.70 -13.92
C GLY A 203 -13.79 -3.17 -13.06
N GLY A 204 -13.94 -3.68 -11.85
CA GLY A 204 -14.90 -3.19 -10.84
C GLY A 204 -14.33 -2.04 -10.02
N VAL A 205 -15.11 -1.61 -9.04
CA VAL A 205 -14.70 -0.59 -8.05
C VAL A 205 -15.11 -1.10 -6.67
N ALA A 206 -14.17 -1.64 -5.92
CA ALA A 206 -14.48 -2.19 -4.59
C ALA A 206 -14.76 -1.05 -3.61
N SER A 207 -14.24 0.16 -3.84
CA SER A 207 -14.37 1.28 -2.85
C SER A 207 -14.13 2.60 -3.57
N PRO A 208 -15.19 3.26 -4.06
CA PRO A 208 -15.00 4.46 -4.87
C PRO A 208 -14.62 5.67 -4.04
N ASN A 209 -14.16 6.70 -4.72
CA ASN A 209 -13.77 7.96 -4.04
C ASN A 209 -13.86 9.09 -5.04
N PRO A 210 -14.67 10.14 -4.79
CA PRO A 210 -14.80 11.28 -5.70
C PRO A 210 -13.63 12.26 -5.55
N PHE A 211 -12.44 11.72 -5.72
CA PHE A 211 -11.13 12.39 -5.53
C PHE A 211 -10.22 11.95 -6.66
N TYR A 212 -9.72 12.86 -7.46
CA TYR A 212 -8.67 12.53 -8.43
C TYR A 212 -7.63 13.65 -8.38
N TRP A 213 -6.46 13.35 -8.92
CA TRP A 213 -5.44 14.39 -9.05
C TRP A 213 -4.68 14.24 -10.36
N SER A 214 -4.12 15.36 -10.74
CA SER A 214 -3.42 15.55 -12.02
C SER A 214 -1.96 15.86 -11.75
N THR A 215 -1.08 15.33 -12.58
CA THR A 215 0.36 15.68 -12.52
C THR A 215 0.59 17.14 -12.93
N ALA A 216 -0.41 17.83 -13.46
CA ALA A 216 -0.32 19.29 -13.70
C ALA A 216 -0.10 19.98 -12.37
N GLY A 217 -0.55 19.39 -11.26
CA GLY A 217 -0.33 19.91 -9.90
C GLY A 217 -1.60 20.32 -9.19
N TYR A 218 -2.68 19.53 -9.31
CA TYR A 218 -4.01 19.85 -8.72
C TYR A 218 -4.66 18.54 -8.28
N GLY A 219 -5.43 18.61 -7.20
CA GLY A 219 -6.38 17.57 -6.80
C GLY A 219 -7.78 18.16 -6.72
N VAL A 220 -8.80 17.37 -6.98
CA VAL A 220 -10.21 17.80 -6.90
C VAL A 220 -10.99 16.77 -6.07
N VAL A 221 -11.71 17.24 -5.05
CA VAL A 221 -12.74 16.44 -4.36
C VAL A 221 -14.10 17.00 -4.75
N ARG A 222 -14.93 16.17 -5.35
CA ARG A 222 -16.33 16.57 -5.61
C ARG A 222 -17.09 16.39 -4.31
N ASN A 223 -17.65 17.47 -3.80
CA ASN A 223 -18.33 17.51 -2.48
C ASN A 223 -19.75 17.02 -2.67
N THR A 224 -19.89 15.71 -2.88
CA THR A 224 -21.16 15.05 -3.27
C THR A 224 -21.19 13.63 -2.75
N TRP A 225 -22.39 13.14 -2.48
CA TRP A 225 -22.60 11.72 -2.16
C TRP A 225 -23.10 10.97 -3.39
N LYS A 226 -23.19 11.61 -4.54
CA LYS A 226 -23.78 10.98 -5.74
C LYS A 226 -22.71 10.31 -6.57
N PRO A 227 -23.08 9.22 -7.29
CA PRO A 227 -22.16 8.52 -8.18
C PRO A 227 -21.72 9.43 -9.31
N GLY A 228 -20.55 9.12 -9.89
CA GLY A 228 -20.03 9.87 -11.02
C GLY A 228 -19.16 9.04 -11.96
N ASN A 229 -18.58 9.72 -12.93
CA ASN A 229 -17.80 9.12 -14.04
C ASN A 229 -16.75 10.16 -14.42
N TYR A 230 -15.47 9.79 -14.35
CA TYR A 230 -14.36 10.68 -14.78
C TYR A 230 -13.75 10.12 -16.06
N ASP A 231 -13.84 10.89 -17.14
CA ASP A 231 -13.33 10.48 -18.46
C ASP A 231 -12.07 11.27 -18.75
N PHE A 232 -10.91 10.60 -18.61
CA PHE A 232 -9.60 11.26 -18.81
C PHE A 232 -9.18 11.17 -20.28
N GLY A 233 -10.06 11.61 -21.18
CA GLY A 233 -9.71 11.71 -22.61
C GLY A 233 -9.68 10.35 -23.25
N SER A 234 -10.71 9.53 -23.00
CA SER A 234 -10.75 8.12 -23.46
C SER A 234 -10.94 8.08 -24.98
N HIS A 235 -11.54 9.10 -25.57
CA HIS A 235 -11.58 9.25 -27.06
C HIS A 235 -10.93 10.56 -27.50
N ASP A 236 -11.26 11.69 -26.87
CA ASP A 236 -10.63 13.00 -27.18
C ASP A 236 -9.48 13.25 -26.21
N PRO A 237 -8.21 13.01 -26.61
CA PRO A 237 -7.10 13.02 -25.66
C PRO A 237 -6.81 14.40 -25.05
N GLN A 238 -7.36 15.47 -25.61
CA GLN A 238 -7.13 16.86 -25.15
C GLN A 238 -8.21 17.31 -24.17
N THR A 239 -9.18 16.46 -23.81
CA THR A 239 -10.33 16.84 -22.96
C THR A 239 -10.50 15.83 -21.83
N THR A 240 -10.64 16.32 -20.61
CA THR A 240 -11.05 15.52 -19.44
C THR A 240 -12.44 16.00 -18.98
N THR A 241 -13.39 15.11 -18.80
CA THR A 241 -14.72 15.45 -18.27
C THR A 241 -14.89 14.77 -16.92
N THR A 242 -15.47 15.47 -15.97
CA THR A 242 -15.84 14.88 -14.66
C THR A 242 -17.33 15.12 -14.46
N THR A 243 -18.07 14.05 -14.23
CA THR A 243 -19.54 14.07 -14.13
C THR A 243 -19.95 13.44 -12.80
N HIS A 244 -20.89 14.05 -12.10
CA HIS A 244 -21.62 13.40 -10.99
C HIS A 244 -23.12 13.58 -11.23
N GLU A 245 -23.93 12.59 -10.86
CA GLU A 245 -25.39 12.80 -10.78
C GLU A 245 -25.66 14.02 -9.89
N GLY A 246 -26.71 14.77 -10.21
CA GLY A 246 -27.22 15.84 -9.33
C GLY A 246 -27.39 17.15 -10.06
N THR A 247 -27.79 18.15 -9.28
CA THR A 247 -28.23 19.49 -9.72
C THR A 247 -27.26 20.55 -9.20
N ASP A 248 -26.31 20.14 -8.35
CA ASP A 248 -25.34 21.03 -7.66
C ASP A 248 -23.96 20.79 -8.27
N PHE A 249 -23.13 21.82 -8.35
CA PHE A 249 -21.68 21.65 -8.61
C PHE A 249 -20.90 22.26 -7.46
N ASP A 250 -20.29 21.40 -6.66
CA ASP A 250 -19.61 21.76 -5.40
C ASP A 250 -18.32 20.97 -5.35
N ALA A 251 -17.19 21.63 -5.43
CA ALA A 251 -15.88 20.97 -5.53
C ALA A 251 -14.85 21.76 -4.76
N PHE A 252 -13.88 21.04 -4.20
CA PHE A 252 -12.65 21.59 -3.58
C PHE A 252 -11.50 21.36 -4.55
N TYR A 253 -10.77 22.44 -4.89
CA TYR A 253 -9.57 22.40 -5.76
C TYR A 253 -8.36 22.73 -4.89
N PHE A 254 -7.36 21.87 -4.89
CA PHE A 254 -6.09 22.10 -4.16
C PHE A 254 -4.93 21.99 -5.14
N PHE A 255 -4.01 22.94 -5.05
CA PHE A 255 -2.87 23.12 -5.98
C PHE A 255 -1.60 22.85 -5.20
N ASN A 256 -0.78 21.92 -5.69
CA ASN A 256 0.42 21.50 -4.95
C ASN A 256 1.41 20.91 -5.94
N ASP A 257 2.69 21.24 -5.76
CA ASP A 257 3.76 20.88 -6.73
C ASP A 257 4.42 19.57 -6.33
N SER A 258 3.92 18.86 -5.32
CA SER A 258 4.40 17.48 -5.05
C SER A 258 3.21 16.59 -4.79
N SER A 259 3.37 15.29 -5.04
N SER A 259 3.37 15.29 -5.04
CA SER A 259 2.31 14.29 -4.78
CA SER A 259 2.35 14.26 -4.78
C SER A 259 2.07 14.18 -3.28
C SER A 259 2.08 14.19 -3.28
N ALA A 260 3.11 14.24 -2.44
CA ALA A 260 2.92 14.23 -0.98
C ALA A 260 2.04 15.43 -0.58
N GLY A 261 2.28 16.60 -1.17
CA GLY A 261 1.49 17.80 -0.90
C GLY A 261 0.03 17.64 -1.25
N ILE A 262 -0.24 17.08 -2.42
N ILE A 262 -0.23 17.10 -2.44
CA ILE A 262 -1.66 16.87 -2.85
CA ILE A 262 -1.62 16.80 -2.91
C ILE A 262 -2.34 15.93 -1.84
C ILE A 262 -2.32 15.94 -1.86
N LEU A 263 -1.67 14.85 -1.43
CA LEU A 263 -2.27 13.91 -0.47
C LEU A 263 -2.46 14.58 0.89
N LYS A 264 -1.50 15.39 1.33
CA LYS A 264 -1.62 16.11 2.62
C LYS A 264 -2.81 17.07 2.56
N ASP A 265 -3.05 17.69 1.41
CA ASP A 265 -4.21 18.60 1.23
C ASP A 265 -5.50 17.78 1.34
N TYR A 266 -5.56 16.62 0.65
CA TYR A 266 -6.72 15.72 0.73
C TYR A 266 -6.97 15.28 2.18
N TYR A 267 -5.91 14.99 2.93
CA TYR A 267 -6.02 14.55 4.34
C TYR A 267 -6.43 15.70 5.25
N GLU A 268 -5.92 16.91 5.01
CA GLU A 268 -6.30 18.03 5.87
C GLU A 268 -7.81 18.27 5.70
N LEU A 269 -8.30 18.10 4.48
CA LEU A 269 -9.71 18.38 4.11
C LEU A 269 -10.64 17.28 4.60
N THR A 270 -10.31 16.01 4.34
CA THR A 270 -11.22 14.84 4.52
C THR A 270 -10.80 13.95 5.68
N GLY A 271 -9.61 14.18 6.25
CA GLY A 271 -9.17 13.46 7.46
C GLY A 271 -7.91 12.67 7.23
N LYS A 272 -6.98 12.76 8.17
CA LYS A 272 -5.74 11.98 8.13
C LYS A 272 -6.08 10.50 8.31
N PRO A 273 -5.39 9.60 7.57
CA PRO A 273 -5.60 8.18 7.77
C PRO A 273 -5.37 7.79 9.25
N ALA A 274 -6.23 6.91 9.72
CA ALA A 274 -6.00 6.20 10.99
C ALA A 274 -4.66 5.45 10.88
N LEU A 275 -3.92 5.37 11.98
CA LEU A 275 -2.74 4.49 12.12
C LEU A 275 -3.21 3.17 12.69
N MET A 276 -3.05 2.10 11.95
CA MET A 276 -3.41 0.79 12.48
C MET A 276 -2.62 0.55 13.77
N PRO A 277 -3.21 -0.19 14.73
CA PRO A 277 -2.42 -0.72 15.85
C PRO A 277 -1.41 -1.72 15.28
N GLU A 278 -0.31 -1.94 15.97
CA GLU A 278 0.76 -2.81 15.45
C GLU A 278 0.21 -4.18 15.03
N TYR A 279 -0.73 -4.77 15.75
CA TYR A 279 -1.22 -6.13 15.42
C TYR A 279 -1.93 -6.15 14.07
N GLY A 280 -2.41 -5.02 13.57
CA GLY A 280 -3.08 -5.01 12.26
C GLY A 280 -2.13 -5.22 11.10
N PHE A 281 -0.82 -5.10 11.32
CA PHE A 281 0.23 -5.32 10.29
C PHE A 281 0.56 -6.81 10.18
N TYR A 282 -0.10 -7.63 10.97
CA TYR A 282 0.10 -9.11 10.99
C TYR A 282 -1.12 -9.75 10.36
N GLU A 283 -0.91 -10.87 9.70
CA GLU A 283 -2.02 -11.61 9.05
C GLU A 283 -3.08 -11.97 10.09
N ALA A 284 -4.32 -11.92 9.64
CA ALA A 284 -5.49 -12.31 10.43
C ALA A 284 -6.06 -13.63 9.90
N HIS A 285 -6.87 -14.29 10.72
CA HIS A 285 -7.64 -15.48 10.32
C HIS A 285 -9.11 -15.20 10.59
N LEU A 286 -9.96 -15.40 9.60
CA LEU A 286 -11.39 -15.02 9.64
C LEU A 286 -12.23 -16.19 9.13
N ASN A 287 -13.30 -16.51 9.84
CA ASN A 287 -14.23 -17.56 9.41
C ASN A 287 -15.43 -17.50 10.37
N ALA A 288 -16.31 -18.47 10.23
CA ALA A 288 -17.39 -18.74 11.22
C ALA A 288 -17.13 -20.08 11.87
N TYR A 289 -17.18 -20.13 13.21
CA TYR A 289 -16.94 -21.38 13.97
C TYR A 289 -18.14 -21.68 14.88
N ASN A 290 -19.29 -21.05 14.70
CA ASN A 290 -20.42 -21.17 15.66
C ASN A 290 -21.60 -21.96 15.06
N ARG A 291 -21.58 -22.28 13.77
CA ARG A 291 -22.83 -22.66 13.05
C ARG A 291 -22.69 -24.00 12.31
N ASP A 292 -21.58 -24.22 11.63
CA ASP A 292 -21.47 -25.26 10.57
C ASP A 292 -21.04 -26.61 11.13
N TYR A 293 -21.13 -27.64 10.29
CA TYR A 293 -20.82 -29.03 10.63
C TYR A 293 -19.69 -29.56 9.75
N TRP A 294 -18.90 -30.48 10.29
CA TRP A 294 -17.98 -31.30 9.48
C TRP A 294 -18.49 -32.74 9.43
N VAL A 295 -18.54 -33.29 8.22
CA VAL A 295 -18.99 -34.69 7.96
C VAL A 295 -17.77 -35.49 7.54
N LYS A 296 -17.58 -36.66 8.15
CA LYS A 296 -16.49 -37.59 7.80
C LYS A 296 -16.74 -38.16 6.40
N VAL A 297 -15.74 -38.05 5.53
CA VAL A 297 -15.83 -38.48 4.10
C VAL A 297 -14.58 -39.28 3.76
N ALA A 298 -14.61 -39.98 2.62
CA ALA A 298 -13.43 -40.68 2.09
C ALA A 298 -12.37 -39.65 1.68
N GLU A 299 -11.10 -40.00 1.86
CA GLU A 299 -9.97 -39.26 1.27
C GLU A 299 -10.25 -39.14 -0.24
N GLY A 300 -10.07 -37.95 -0.82
CA GLY A 300 -10.23 -37.75 -2.27
C GLY A 300 -11.65 -37.40 -2.65
N THR A 301 -12.60 -37.40 -1.71
CA THR A 301 -13.93 -36.75 -1.87
C THR A 301 -13.70 -35.28 -2.25
N ALA A 302 -14.37 -34.80 -3.30
CA ALA A 302 -14.34 -33.39 -3.74
C ALA A 302 -14.23 -32.49 -2.50
N GLY A 303 -13.09 -31.83 -2.33
CA GLY A 303 -12.85 -30.79 -1.30
C GLY A 303 -12.80 -31.37 0.10
N ALA A 304 -12.38 -32.63 0.26
CA ALA A 304 -12.13 -33.21 1.60
C ALA A 304 -11.00 -32.42 2.25
N VAL A 305 -11.03 -32.28 3.57
CA VAL A 305 -9.98 -31.62 4.40
C VAL A 305 -9.53 -32.60 5.48
N LYS A 306 -8.22 -32.85 5.56
CA LYS A 306 -7.62 -33.74 6.57
C LYS A 306 -7.49 -32.99 7.91
N PHE A 307 -7.84 -33.63 9.01
CA PHE A 307 -7.72 -33.08 10.37
C PHE A 307 -6.73 -33.91 11.19
N GLU A 308 -6.46 -33.48 12.41
CA GLU A 308 -5.38 -34.01 13.28
C GLU A 308 -5.67 -35.47 13.69
N ASP A 309 -6.93 -35.92 13.67
CA ASP A 309 -7.28 -37.33 13.96
C ASP A 309 -6.88 -38.24 12.78
N GLY A 310 -6.37 -37.70 11.68
CA GLY A 310 -5.95 -38.47 10.49
C GLY A 310 -7.12 -38.77 9.56
N ASN A 311 -8.32 -38.29 9.89
CA ASN A 311 -9.53 -38.50 9.06
C ASN A 311 -9.78 -37.27 8.17
N PHE A 312 -10.64 -37.47 7.17
CA PHE A 312 -11.01 -36.44 6.16
C PHE A 312 -12.47 -36.05 6.36
N TYR A 313 -12.72 -34.75 6.27
CA TYR A 313 -14.05 -34.17 6.52
C TYR A 313 -14.41 -33.16 5.44
N LYS A 314 -15.71 -32.95 5.25
CA LYS A 314 -16.27 -31.92 4.34
C LYS A 314 -17.22 -31.05 5.15
N GLU A 315 -17.18 -29.74 4.97
CA GLU A 315 -17.99 -28.82 5.77
C GLU A 315 -19.38 -28.62 5.16
N TYR A 316 -20.38 -28.50 6.02
CA TYR A 316 -21.80 -28.30 5.62
C TYR A 316 -22.42 -27.18 6.46
N GLN A 317 -23.06 -26.21 5.81
CA GLN A 317 -24.02 -25.31 6.50
C GLN A 317 -25.19 -26.17 7.00
N PRO A 318 -25.85 -25.84 8.12
CA PRO A 318 -26.88 -26.74 8.67
C PRO A 318 -27.98 -27.13 7.68
N GLY A 319 -28.42 -26.20 6.84
CA GLY A 319 -29.51 -26.44 5.87
C GLY A 319 -29.09 -27.39 4.75
N ASP A 320 -27.79 -27.65 4.57
CA ASP A 320 -27.25 -28.51 3.48
C ASP A 320 -26.93 -29.91 4.00
N LEU A 321 -27.06 -30.14 5.31
CA LEU A 321 -26.60 -31.39 5.97
C LEU A 321 -27.48 -32.55 5.52
N GLY A 322 -28.79 -32.33 5.36
CA GLY A 322 -29.77 -33.38 4.99
C GLY A 322 -29.71 -34.55 5.96
N ASN A 323 -29.45 -35.76 5.47
CA ASN A 323 -29.44 -37.01 6.29
C ASN A 323 -28.04 -37.29 6.87
N LEU A 324 -27.05 -36.42 6.65
CA LEU A 324 -25.62 -36.70 7.00
C LEU A 324 -25.40 -36.50 8.51
N ASN A 325 -24.53 -37.33 9.09
CA ASN A 325 -24.06 -37.22 10.50
C ASN A 325 -22.88 -36.25 10.51
N GLY A 326 -22.99 -35.15 11.25
CA GLY A 326 -21.94 -34.12 11.31
C GLY A 326 -21.57 -33.78 12.74
N THR A 327 -20.39 -33.18 12.91
CA THR A 327 -19.96 -32.61 14.19
C THR A 327 -20.11 -31.09 14.12
N LEU A 328 -20.86 -30.53 15.06
CA LEU A 328 -21.12 -29.08 15.14
C LEU A 328 -19.87 -28.36 15.61
N GLU A 329 -19.51 -27.28 14.91
CA GLU A 329 -18.41 -26.38 15.27
C GLU A 329 -18.78 -25.58 16.53
N SER A 330 -17.78 -25.16 17.28
CA SER A 330 -17.97 -24.09 18.31
C SER A 330 -16.68 -23.27 18.39
N LEU A 331 -16.75 -22.09 18.98
CA LEU A 331 -15.54 -21.28 19.11
C LEU A 331 -14.51 -22.01 19.96
N ASN A 332 -14.94 -22.52 21.12
CA ASN A 332 -13.96 -23.00 22.12
C ASN A 332 -13.76 -24.52 22.09
N GLY A 333 -14.46 -25.26 21.24
CA GLY A 333 -14.22 -26.71 21.06
C GLY A 333 -14.49 -27.49 22.34
N GLU A 334 -15.53 -27.09 23.04
CA GLU A 334 -15.93 -27.66 24.35
C GLU A 334 -16.91 -28.82 24.22
N LYS A 335 -17.34 -29.17 23.00
N LYS A 335 -17.34 -29.16 22.99
CA LYS A 335 -18.47 -30.11 22.76
CA LYS A 335 -18.48 -30.07 22.70
C LYS A 335 -17.99 -31.31 21.93
C LYS A 335 -17.99 -31.31 21.92
N GLU A 336 -16.92 -31.98 22.36
CA GLU A 336 -16.35 -33.18 21.66
C GLU A 336 -16.07 -32.88 20.19
N ASN A 337 -15.57 -31.68 19.95
CA ASN A 337 -15.49 -31.07 18.61
C ASN A 337 -14.21 -30.23 18.50
N TYR A 338 -13.22 -30.46 19.35
CA TYR A 338 -12.11 -29.48 19.50
C TYR A 338 -11.43 -29.21 18.15
N GLN A 339 -11.12 -30.23 17.37
CA GLN A 339 -10.37 -30.04 16.10
C GLN A 339 -11.13 -29.14 15.14
N PHE A 340 -12.44 -28.99 15.28
CA PHE A 340 -13.29 -28.18 14.37
C PHE A 340 -13.51 -26.76 14.92
N SER A 341 -12.86 -26.41 16.04
CA SER A 341 -13.10 -25.15 16.76
C SER A 341 -12.21 -24.02 16.26
N ALA A 342 -12.53 -22.80 16.68
CA ALA A 342 -11.70 -21.60 16.48
C ALA A 342 -10.38 -21.74 17.27
N ARG A 343 -10.45 -22.24 18.51
CA ARG A 343 -9.23 -22.44 19.33
C ARG A 343 -8.23 -23.34 18.58
N ALA A 344 -8.73 -24.40 17.96
CA ALA A 344 -7.85 -25.35 17.24
C ALA A 344 -7.11 -24.61 16.13
N VAL A 345 -7.72 -23.58 15.52
CA VAL A 345 -7.04 -22.83 14.42
C VAL A 345 -5.90 -22.00 15.01
N ILE A 346 -6.12 -21.33 16.14
CA ILE A 346 -5.04 -20.60 16.84
C ILE A 346 -3.92 -21.59 17.17
N ASP A 347 -4.26 -22.81 17.62
CA ASP A 347 -3.25 -23.83 17.96
C ASP A 347 -2.44 -24.18 16.70
N ARG A 348 -3.08 -24.23 15.52
CA ARG A 348 -2.39 -24.60 14.26
C ARG A 348 -1.41 -23.49 13.88
N TYR A 349 -1.79 -22.22 14.02
CA TYR A 349 -0.87 -21.12 13.70
C TYR A 349 0.34 -21.20 14.64
N LYS A 350 0.11 -21.53 15.91
CA LYS A 350 1.24 -21.70 16.86
C LYS A 350 2.09 -22.92 16.49
N LYS A 351 1.48 -24.07 16.21
CA LYS A 351 2.24 -25.31 15.93
C LYS A 351 3.09 -25.12 14.68
N ASN A 352 2.59 -24.37 13.70
CA ASN A 352 3.30 -24.12 12.43
C ASN A 352 4.16 -22.87 12.54
N ASP A 353 4.30 -22.31 13.74
CA ASP A 353 5.18 -21.12 13.99
C ASP A 353 4.90 -19.99 13.00
N MET A 354 3.64 -19.57 12.92
CA MET A 354 3.16 -18.57 11.95
C MET A 354 2.74 -17.32 12.70
N PRO A 355 3.17 -16.11 12.25
CA PRO A 355 2.61 -14.88 12.79
C PRO A 355 1.09 -14.85 12.69
N LEU A 356 0.44 -14.31 13.71
CA LEU A 356 -1.03 -14.16 13.70
C LEU A 356 -1.41 -12.99 14.60
N GLY A 357 -1.93 -11.92 14.01
CA GLY A 357 -2.25 -10.69 14.74
C GLY A 357 -3.62 -10.76 15.35
N TRP A 358 -4.61 -11.23 14.60
CA TRP A 358 -6.01 -11.19 15.11
C TRP A 358 -6.84 -12.27 14.42
N PHE A 359 -7.98 -12.55 15.03
CA PHE A 359 -8.83 -13.71 14.70
C PHE A 359 -10.28 -13.25 14.75
N LEU A 360 -11.03 -13.48 13.70
CA LEU A 360 -12.47 -13.13 13.61
C LEU A 360 -13.26 -14.42 13.48
N PRO A 361 -14.10 -14.76 14.48
CA PRO A 361 -14.75 -16.07 14.48
C PRO A 361 -16.25 -16.13 14.16
N ASN A 362 -16.83 -15.01 13.74
CA ASN A 362 -18.27 -14.89 13.50
C ASN A 362 -18.60 -14.31 12.10
N ASP A 363 -17.78 -14.60 11.09
N ASP A 363 -17.78 -14.61 11.09
CA ASP A 363 -17.96 -13.95 9.76
CA ASP A 363 -17.93 -13.98 9.75
C ASP A 363 -19.25 -14.42 9.10
C ASP A 363 -19.24 -14.42 9.08
N GLY A 364 -20.11 -13.46 8.78
CA GLY A 364 -21.27 -13.70 7.90
C GLY A 364 -22.59 -13.82 8.61
N TYR A 365 -23.66 -13.60 7.87
CA TYR A 365 -25.03 -13.57 8.39
C TYR A 365 -25.38 -14.96 8.94
N GLY A 366 -25.95 -14.98 10.14
CA GLY A 366 -26.40 -16.22 10.77
C GLY A 366 -25.31 -16.95 11.55
N ALA A 367 -24.05 -16.51 11.50
CA ALA A 367 -22.94 -17.28 12.11
C ALA A 367 -23.04 -17.21 13.64
N GLY A 368 -23.01 -16.02 14.20
CA GLY A 368 -23.09 -15.85 15.66
C GLY A 368 -21.77 -16.11 16.33
N TYR A 369 -21.71 -15.93 17.64
CA TYR A 369 -20.50 -16.22 18.44
C TYR A 369 -20.86 -17.00 19.70
N GLY A 370 -22.08 -17.48 19.86
CA GLY A 370 -22.35 -18.48 20.91
C GLY A 370 -23.61 -19.25 20.61
N GLN A 371 -23.83 -20.31 21.39
CA GLN A 371 -24.90 -21.30 21.17
C GLN A 371 -25.79 -21.36 22.42
N THR A 372 -25.83 -20.27 23.19
CA THR A 372 -26.62 -20.24 24.44
C THR A 372 -28.03 -19.75 24.15
N ASP A 373 -28.81 -19.54 25.20
CA ASP A 373 -30.19 -19.00 25.08
C ASP A 373 -30.22 -17.49 25.32
N SER A 374 -29.10 -16.80 25.25
CA SER A 374 -29.07 -15.37 25.58
C SER A 374 -27.92 -14.64 24.91
N LEU A 375 -28.08 -13.33 24.77
CA LEU A 375 -26.98 -12.46 24.33
C LEU A 375 -25.85 -12.57 25.35
N ASP A 376 -26.14 -12.50 26.65
CA ASP A 376 -25.07 -12.51 27.67
C ASP A 376 -24.34 -13.87 27.66
N GLY A 377 -25.05 -14.96 27.49
CA GLY A 377 -24.41 -16.28 27.40
C GLY A 377 -23.48 -16.37 26.21
N ASP A 378 -23.89 -15.79 25.10
CA ASP A 378 -23.04 -15.78 23.89
C ASP A 378 -21.84 -14.84 24.10
N VAL A 379 -22.05 -13.66 24.67
CA VAL A 379 -20.93 -12.74 24.97
C VAL A 379 -19.89 -13.45 25.87
N GLN A 380 -20.35 -14.23 26.86
CA GLN A 380 -19.43 -14.98 27.75
C GLN A 380 -18.64 -16.05 26.95
N ASN A 381 -19.30 -16.72 26.01
CA ASN A 381 -18.61 -17.71 25.13
C ASN A 381 -17.51 -17.00 24.34
N LEU A 382 -17.84 -15.85 23.76
CA LEU A 382 -16.87 -15.02 23.00
C LEU A 382 -15.76 -14.52 23.92
N LYS A 383 -16.07 -14.12 25.14
CA LYS A 383 -15.05 -13.67 26.10
C LYS A 383 -14.04 -14.80 26.36
N GLU A 384 -14.54 -16.03 26.56
N GLU A 384 -14.50 -16.03 26.53
CA GLU A 384 -13.72 -17.26 26.78
CA GLU A 384 -13.55 -17.14 26.81
C GLU A 384 -12.76 -17.43 25.59
C GLU A 384 -12.71 -17.43 25.57
N PHE A 385 -13.27 -17.23 24.38
CA PHE A 385 -12.44 -17.37 23.16
C PHE A 385 -11.39 -16.26 23.15
N THR A 386 -11.78 -15.02 23.44
CA THR A 386 -10.87 -13.87 23.40
C THR A 386 -9.78 -14.05 24.46
N ASP A 387 -10.12 -14.62 25.60
CA ASP A 387 -9.12 -14.89 26.66
C ASP A 387 -8.10 -15.90 26.13
N TYR A 388 -8.55 -16.94 25.45
CA TYR A 388 -7.65 -17.96 24.86
C TYR A 388 -6.76 -17.34 23.78
N ALA A 389 -7.36 -16.57 22.86
CA ALA A 389 -6.59 -15.88 21.79
C ALA A 389 -5.53 -14.98 22.45
N GLN A 390 -5.89 -14.23 23.48
CA GLN A 390 -4.95 -13.27 24.12
C GLN A 390 -3.81 -14.02 24.83
N ALA A 391 -4.08 -15.20 25.37
CA ALA A 391 -3.03 -16.07 25.99
C ALA A 391 -2.00 -16.45 24.92
N ASN A 392 -2.39 -16.40 23.65
CA ASN A 392 -1.54 -16.77 22.50
C ASN A 392 -1.06 -15.51 21.78
N GLY A 393 -1.25 -14.32 22.33
CA GLY A 393 -0.79 -13.06 21.72
C GLY A 393 -1.62 -12.61 20.52
N VAL A 394 -2.88 -13.04 20.45
CA VAL A 394 -3.81 -12.84 19.30
C VAL A 394 -5.01 -12.03 19.76
N GLU A 395 -5.35 -10.96 19.04
CA GLU A 395 -6.55 -10.15 19.35
C GLU A 395 -7.74 -10.71 18.60
N VAL A 396 -8.94 -10.28 18.96
CA VAL A 396 -10.18 -10.80 18.34
C VAL A 396 -10.88 -9.66 17.63
N GLY A 397 -11.34 -9.95 16.42
CA GLY A 397 -12.26 -9.08 15.68
C GLY A 397 -13.62 -9.70 15.52
N LEU A 398 -14.62 -8.89 15.26
CA LEU A 398 -15.99 -9.33 14.94
C LEU A 398 -16.47 -8.75 13.60
N TRP A 399 -17.13 -9.57 12.84
CA TRP A 399 -18.06 -9.17 11.78
C TRP A 399 -19.17 -8.37 12.43
N THR A 400 -19.39 -7.14 11.98
CA THR A 400 -20.25 -6.16 12.67
C THR A 400 -21.34 -5.68 11.71
N GLN A 401 -22.57 -5.60 12.21
CA GLN A 401 -23.78 -5.30 11.40
C GLN A 401 -24.23 -3.86 11.65
N SER A 402 -25.19 -3.41 10.87
CA SER A 402 -25.74 -2.04 11.00
C SER A 402 -26.43 -1.88 12.37
N ASN A 403 -26.99 -2.97 12.89
CA ASN A 403 -27.53 -3.06 14.27
C ASN A 403 -26.32 -3.26 15.20
N LEU A 404 -25.79 -2.18 15.78
CA LEU A 404 -24.67 -2.24 16.74
C LEU A 404 -25.19 -2.55 18.14
N HIS A 405 -26.46 -2.25 18.40
CA HIS A 405 -27.06 -2.34 19.75
C HIS A 405 -28.33 -3.17 19.66
N PRO A 406 -28.79 -3.73 20.79
CA PRO A 406 -30.11 -4.35 20.86
C PRO A 406 -31.19 -3.27 20.72
N ALA A 407 -32.37 -3.64 20.26
CA ALA A 407 -33.53 -2.71 20.26
C ALA A 407 -33.65 -2.06 21.65
N ASP A 408 -33.46 -2.82 22.74
CA ASP A 408 -33.40 -2.32 24.14
C ASP A 408 -32.11 -2.82 24.78
N PRO A 409 -31.01 -2.03 24.82
CA PRO A 409 -29.73 -2.55 25.29
C PRO A 409 -29.82 -3.16 26.70
N LYS A 410 -30.77 -2.68 27.52
CA LYS A 410 -30.95 -3.17 28.92
C LYS A 410 -31.72 -4.51 28.91
N ASN A 411 -32.31 -4.90 27.76
CA ASN A 411 -33.15 -6.11 27.62
C ASN A 411 -32.89 -6.84 26.30
N PRO A 412 -31.68 -7.34 26.04
CA PRO A 412 -31.40 -7.92 24.73
C PRO A 412 -32.03 -9.32 24.52
N LYS A 413 -32.32 -9.66 23.26
CA LYS A 413 -32.75 -11.02 22.86
C LYS A 413 -31.56 -11.82 22.30
N LYS A 414 -31.64 -13.14 22.43
CA LYS A 414 -30.73 -14.06 21.71
C LYS A 414 -30.62 -13.60 20.26
N GLY A 415 -29.39 -13.50 19.76
CA GLY A 415 -29.12 -13.20 18.34
C GLY A 415 -29.04 -11.72 18.00
N GLU A 416 -29.41 -10.82 18.90
CA GLU A 416 -29.16 -9.39 18.72
C GLU A 416 -27.66 -9.14 18.90
N ARG A 417 -27.24 -7.91 18.66
CA ARG A 417 -25.83 -7.52 18.76
C ARG A 417 -25.69 -6.41 19.80
N ASP A 418 -24.55 -6.36 20.47
CA ASP A 418 -24.30 -5.32 21.49
C ASP A 418 -22.81 -5.03 21.45
N ILE A 419 -22.44 -3.98 20.73
CA ILE A 419 -21.02 -3.58 20.56
C ILE A 419 -20.43 -3.22 21.94
N ALA A 420 -21.23 -2.66 22.86
CA ALA A 420 -20.70 -2.26 24.19
C ALA A 420 -20.24 -3.51 24.94
N LYS A 421 -21.04 -4.57 24.90
CA LYS A 421 -20.69 -5.83 25.60
C LYS A 421 -19.59 -6.56 24.83
N GLU A 422 -19.66 -6.54 23.51
CA GLU A 422 -18.67 -7.28 22.70
C GLU A 422 -17.28 -6.70 22.95
N VAL A 423 -17.20 -5.36 23.00
CA VAL A 423 -15.91 -4.68 23.28
C VAL A 423 -15.55 -4.77 24.77
N SER A 424 -16.44 -4.35 25.65
CA SER A 424 -16.08 -4.08 27.07
C SER A 424 -16.13 -5.36 27.89
N VAL A 425 -16.99 -6.32 27.59
CA VAL A 425 -17.08 -7.58 28.35
C VAL A 425 -16.23 -8.65 27.66
N ALA A 426 -16.36 -8.82 26.34
CA ALA A 426 -15.66 -9.93 25.65
C ALA A 426 -14.25 -9.51 25.23
N GLY A 427 -13.92 -8.23 25.12
CA GLY A 427 -12.54 -7.78 24.80
C GLY A 427 -12.22 -7.71 23.32
N VAL A 428 -13.23 -7.63 22.48
CA VAL A 428 -13.02 -7.51 21.00
C VAL A 428 -12.29 -6.19 20.70
N LYS A 429 -11.31 -6.23 19.79
CA LYS A 429 -10.56 -5.01 19.43
C LYS A 429 -10.71 -4.61 17.95
N ALA A 430 -11.14 -5.50 17.08
CA ALA A 430 -11.20 -5.22 15.61
C ALA A 430 -12.61 -5.47 15.10
N LEU A 431 -12.97 -4.77 14.02
CA LEU A 431 -14.32 -4.79 13.44
C LEU A 431 -14.19 -4.94 11.93
N LYS A 432 -15.00 -5.80 11.35
CA LYS A 432 -15.12 -5.99 9.89
C LYS A 432 -16.56 -5.67 9.49
N THR A 433 -16.77 -4.67 8.64
CA THR A 433 -18.15 -4.21 8.35
C THR A 433 -18.86 -5.21 7.42
N ASP A 434 -20.03 -5.67 7.85
CA ASP A 434 -21.01 -6.42 7.01
C ASP A 434 -21.29 -5.67 5.71
N VAL A 435 -21.17 -6.35 4.57
CA VAL A 435 -21.57 -5.74 3.26
C VAL A 435 -23.05 -5.37 3.27
N ALA A 436 -23.91 -6.06 4.03
CA ALA A 436 -25.35 -5.68 4.10
C ALA A 436 -25.54 -4.35 4.84
N TRP A 437 -24.53 -3.89 5.56
CA TRP A 437 -24.52 -2.59 6.29
C TRP A 437 -24.04 -1.49 5.36
N VAL A 438 -22.81 -1.60 4.86
CA VAL A 438 -22.16 -0.51 4.09
C VAL A 438 -22.45 -0.66 2.60
N GLY A 439 -23.11 -1.74 2.18
CA GLY A 439 -23.22 -2.11 0.75
C GLY A 439 -24.08 -1.18 -0.06
N TYR A 440 -24.88 -0.35 0.57
CA TYR A 440 -25.65 0.72 -0.13
C TYR A 440 -24.72 1.83 -0.60
N GLY A 441 -23.49 1.90 -0.07
CA GLY A 441 -22.45 2.86 -0.50
C GLY A 441 -22.61 4.26 0.05
N TYR A 442 -21.70 5.12 -0.38
CA TYR A 442 -21.84 6.58 -0.27
C TYR A 442 -21.95 6.95 1.21
N SER A 443 -23.01 7.61 1.64
CA SER A 443 -23.13 8.08 3.04
C SER A 443 -23.39 6.92 4.01
N PHE A 444 -23.91 5.78 3.54
CA PHE A 444 -24.13 4.59 4.40
C PHE A 444 -22.81 4.15 5.01
N GLY A 445 -21.79 4.00 4.16
CA GLY A 445 -20.48 3.51 4.58
C GLY A 445 -19.81 4.49 5.50
N LEU A 446 -19.79 5.78 5.15
CA LEU A 446 -19.01 6.70 5.98
C LEU A 446 -19.70 6.88 7.33
N ASN A 447 -21.02 6.98 7.36
CA ASN A 447 -21.75 7.08 8.64
C ASN A 447 -21.48 5.83 9.48
N GLY A 448 -21.53 4.67 8.84
CA GLY A 448 -21.27 3.38 9.48
C GLY A 448 -19.90 3.32 10.13
N VAL A 449 -18.83 3.59 9.38
CA VAL A 449 -17.46 3.47 9.93
C VAL A 449 -17.21 4.57 10.96
N GLU A 450 -17.80 5.76 10.79
CA GLU A 450 -17.65 6.83 11.80
C GLU A 450 -18.35 6.41 13.10
N ASP A 451 -19.57 5.92 13.01
CA ASP A 451 -20.30 5.44 14.21
C ASP A 451 -19.50 4.33 14.90
N ALA A 452 -19.01 3.34 14.15
CA ALA A 452 -18.30 2.18 14.73
C ALA A 452 -17.03 2.69 15.41
N ALA A 453 -16.27 3.56 14.75
CA ALA A 453 -15.00 4.07 15.33
C ALA A 453 -15.30 4.86 16.61
N ASN A 454 -16.33 5.70 16.59
CA ASN A 454 -16.63 6.60 17.72
C ASN A 454 -17.14 5.78 18.90
N VAL A 455 -18.02 4.81 18.70
CA VAL A 455 -18.56 4.00 19.82
C VAL A 455 -17.44 3.08 20.34
N PHE A 456 -16.58 2.61 19.45
CA PHE A 456 -15.45 1.73 19.85
C PHE A 456 -14.53 2.46 20.83
N VAL A 457 -14.09 3.68 20.48
N VAL A 457 -14.09 3.67 20.45
CA VAL A 457 -13.11 4.44 21.32
CA VAL A 457 -13.15 4.50 21.26
C VAL A 457 -13.81 4.93 22.60
C VAL A 457 -13.82 4.90 22.58
N LYS A 458 -15.11 5.24 22.54
CA LYS A 458 -15.90 5.53 23.77
C LYS A 458 -15.87 4.32 24.71
N GLU A 459 -16.16 3.12 24.20
CA GLU A 459 -16.19 1.89 25.02
C GLU A 459 -14.82 1.60 25.66
N THR A 460 -13.73 1.81 24.93
CA THR A 460 -12.36 1.49 25.43
C THR A 460 -11.77 2.69 26.19
N ASP A 461 -12.48 3.82 26.26
CA ASP A 461 -11.99 5.05 26.93
C ASP A 461 -10.67 5.51 26.29
N GLY A 462 -10.51 5.27 24.99
CA GLY A 462 -9.32 5.64 24.20
C GLY A 462 -8.14 4.71 24.43
N ALA A 463 -8.29 3.66 25.24
CA ALA A 463 -7.22 2.70 25.56
C ALA A 463 -6.88 1.85 24.33
N VAL A 464 -7.84 1.75 23.41
CA VAL A 464 -7.68 0.96 22.15
C VAL A 464 -8.14 1.82 20.98
N ARG A 465 -7.25 2.00 20.01
CA ARG A 465 -7.56 2.74 18.77
C ARG A 465 -8.34 1.82 17.83
N PRO A 466 -9.11 2.38 16.89
CA PRO A 466 -9.88 1.53 15.97
C PRO A 466 -8.99 0.64 15.09
N MET A 467 -9.52 -0.55 14.83
CA MET A 467 -9.00 -1.47 13.79
C MET A 467 -10.22 -1.93 13.00
N ILE A 468 -10.61 -1.12 12.01
CA ILE A 468 -11.85 -1.37 11.22
C ILE A 468 -11.44 -1.66 9.79
N VAL A 469 -11.89 -2.79 9.25
N VAL A 469 -11.98 -2.75 9.26
CA VAL A 469 -11.70 -3.10 7.81
CA VAL A 469 -11.77 -3.24 7.87
C VAL A 469 -13.06 -3.08 7.14
C VAL A 469 -13.11 -3.07 7.16
N SER A 470 -13.14 -2.34 6.04
CA SER A 470 -14.41 -2.08 5.34
C SER A 470 -14.17 -2.09 3.83
N LEU A 471 -15.18 -1.67 3.10
CA LEU A 471 -15.11 -1.47 1.63
C LEU A 471 -16.32 -0.61 1.30
N ASP A 472 -16.59 -0.33 0.03
CA ASP A 472 -17.73 0.55 -0.31
C ASP A 472 -17.56 1.91 0.37
N GLY A 473 -16.33 2.41 0.36
CA GLY A 473 -15.98 3.69 0.98
C GLY A 473 -16.34 4.88 0.12
N TRP A 474 -15.80 6.02 0.52
CA TRP A 474 -16.04 7.33 -0.11
C TRP A 474 -14.93 8.26 0.35
N ALA A 475 -14.99 9.53 -0.05
CA ALA A 475 -14.07 10.55 0.48
C ALA A 475 -14.20 10.58 2.00
N GLY A 476 -13.08 10.49 2.71
CA GLY A 476 -13.06 10.53 4.18
C GLY A 476 -12.89 9.17 4.84
N THR A 477 -13.19 8.07 4.17
CA THR A 477 -13.21 6.74 4.83
C THR A 477 -11.90 6.52 5.58
N GLN A 478 -10.78 6.93 5.00
CA GLN A 478 -9.43 6.57 5.52
C GLN A 478 -9.29 6.99 6.99
N ARG A 479 -10.01 8.03 7.43
CA ARG A 479 -9.80 8.54 8.81
C ARG A 479 -10.36 7.57 9.83
N HIS A 480 -11.13 6.57 9.41
CA HIS A 480 -11.75 5.59 10.34
C HIS A 480 -11.37 4.15 10.01
N ALA A 481 -11.19 3.80 8.74
CA ALA A 481 -11.16 2.39 8.34
C ALA A 481 -10.19 2.19 7.19
N GLY A 482 -9.61 1.00 7.11
CA GLY A 482 -8.92 0.54 5.91
C GLY A 482 -9.89 -0.22 5.04
N ILE A 483 -9.48 -0.58 3.83
CA ILE A 483 -10.37 -1.38 2.96
C ILE A 483 -9.70 -2.69 2.58
N TRP A 484 -10.52 -3.70 2.33
CA TRP A 484 -10.09 -4.88 1.58
C TRP A 484 -10.93 -4.97 0.31
N THR A 485 -10.48 -5.75 -0.67
CA THR A 485 -11.00 -5.64 -2.04
C THR A 485 -12.22 -6.51 -2.28
N GLY A 486 -12.64 -7.30 -1.30
CA GLY A 486 -13.86 -8.13 -1.42
C GLY A 486 -13.58 -9.58 -1.75
N ASP A 487 -14.50 -10.18 -2.52
CA ASP A 487 -14.55 -11.64 -2.74
C ASP A 487 -14.11 -11.95 -4.18
N GLN A 488 -13.03 -12.71 -4.33
CA GLN A 488 -12.58 -13.20 -5.64
C GLN A 488 -12.09 -14.63 -5.51
N THR A 489 -11.75 -15.23 -6.64
CA THR A 489 -11.25 -16.61 -6.67
C THR A 489 -9.71 -16.60 -6.76
N GLY A 490 -9.06 -17.22 -5.79
CA GLY A 490 -7.60 -17.39 -5.81
C GLY A 490 -7.22 -18.67 -6.54
N GLY A 491 -6.00 -19.12 -6.32
CA GLY A 491 -5.45 -20.31 -6.98
C GLY A 491 -5.26 -20.10 -8.47
N GLN A 492 -5.28 -18.82 -8.90
N GLN A 492 -5.11 -18.85 -8.88
CA GLN A 492 -5.23 -18.33 -10.31
CA GLN A 492 -4.88 -18.54 -10.31
C GLN A 492 -4.22 -17.16 -10.37
C GLN A 492 -4.23 -17.17 -10.41
N TRP A 493 -3.38 -17.06 -11.42
CA TRP A 493 -2.43 -15.92 -11.54
C TRP A 493 -3.19 -14.59 -11.63
N GLU A 494 -4.37 -14.55 -12.25
CA GLU A 494 -5.16 -13.30 -12.35
C GLU A 494 -5.37 -12.67 -10.96
N TYR A 495 -5.45 -13.51 -9.93
CA TYR A 495 -5.72 -13.05 -8.54
C TYR A 495 -4.60 -12.12 -8.07
N ILE A 496 -3.38 -12.40 -8.50
CA ILE A 496 -2.21 -11.55 -8.20
C ILE A 496 -2.17 -10.39 -9.19
N ARG A 497 -2.21 -10.67 -10.48
CA ARG A 497 -2.04 -9.65 -11.53
C ARG A 497 -2.94 -8.46 -11.25
N PHE A 498 -4.26 -8.64 -11.07
CA PHE A 498 -5.16 -7.47 -10.98
C PHE A 498 -4.99 -6.74 -9.64
N HIS A 499 -4.53 -7.45 -8.61
CA HIS A 499 -4.44 -6.88 -7.24
C HIS A 499 -3.30 -5.88 -7.12
N ILE A 500 -2.19 -6.05 -7.86
CA ILE A 500 -1.04 -5.12 -7.64
C ILE A 500 -1.43 -3.69 -7.97
N PRO A 501 -1.94 -3.37 -9.19
CA PRO A 501 -2.35 -2.00 -9.46
C PRO A 501 -3.52 -1.54 -8.58
N THR A 502 -4.39 -2.48 -8.17
CA THR A 502 -5.51 -2.17 -7.25
C THR A 502 -4.97 -1.52 -5.99
N TYR A 503 -3.94 -2.13 -5.40
CA TYR A 503 -3.33 -1.64 -4.15
C TYR A 503 -2.69 -0.28 -4.42
N ILE A 504 -1.95 -0.17 -5.53
CA ILE A 504 -1.23 1.10 -5.86
C ILE A 504 -2.24 2.24 -5.95
N GLY A 505 -3.33 2.03 -6.71
CA GLY A 505 -4.33 3.08 -6.95
C GLY A 505 -5.13 3.43 -5.71
N THR A 506 -5.39 2.45 -4.87
CA THR A 506 -6.06 2.69 -3.56
C THR A 506 -5.21 3.70 -2.75
N SER A 507 -3.92 3.43 -2.71
CA SER A 507 -2.96 4.27 -1.94
C SER A 507 -2.85 5.67 -2.56
N LEU A 508 -2.87 5.79 -3.88
CA LEU A 508 -2.83 7.10 -4.57
C LEU A 508 -4.11 7.90 -4.32
N SER A 509 -5.18 7.25 -3.90
CA SER A 509 -6.49 7.83 -3.58
C SER A 509 -6.58 8.18 -2.10
N GLY A 510 -5.48 8.16 -1.36
CA GLY A 510 -5.48 8.61 0.04
C GLY A 510 -5.98 7.54 0.98
N GLN A 511 -5.85 6.24 0.64
CA GLN A 511 -6.20 5.11 1.55
C GLN A 511 -4.96 4.25 1.67
N PRO A 512 -4.09 4.49 2.68
CA PRO A 512 -2.86 3.72 2.80
C PRO A 512 -3.13 2.34 3.41
N ASN A 513 -4.25 2.16 4.11
CA ASN A 513 -4.57 0.89 4.80
C ASN A 513 -5.36 0.03 3.83
N VAL A 514 -4.65 -0.73 3.01
CA VAL A 514 -5.26 -1.56 1.95
C VAL A 514 -4.84 -3.01 2.19
N GLY A 515 -5.76 -3.91 1.89
CA GLY A 515 -5.47 -5.33 1.97
C GLY A 515 -6.43 -6.13 1.12
N SER A 516 -6.31 -7.44 1.25
CA SER A 516 -7.14 -8.41 0.51
C SER A 516 -6.96 -9.77 1.14
N ASP A 517 -7.69 -10.71 0.60
CA ASP A 517 -7.66 -12.10 1.07
C ASP A 517 -6.35 -12.75 0.61
N MET A 518 -5.77 -13.56 1.47
CA MET A 518 -4.57 -14.34 1.09
C MET A 518 -5.03 -15.49 0.20
N ASP A 519 -4.67 -15.43 -1.08
CA ASP A 519 -5.03 -16.46 -2.10
C ASP A 519 -6.55 -16.60 -2.22
N GLY A 520 -7.32 -15.57 -1.95
CA GLY A 520 -8.74 -15.49 -2.31
C GLY A 520 -9.64 -16.12 -1.28
N ILE A 521 -10.90 -15.72 -1.28
CA ILE A 521 -11.94 -16.41 -0.45
C ILE A 521 -12.39 -17.65 -1.21
N PHE A 522 -12.41 -17.62 -2.53
CA PHE A 522 -12.83 -18.84 -3.30
C PHE A 522 -11.63 -19.50 -3.95
N GLY A 523 -11.81 -20.74 -4.38
CA GLY A 523 -10.79 -21.49 -5.14
C GLY A 523 -9.57 -21.81 -4.30
N GLY A 524 -8.44 -22.06 -4.94
CA GLY A 524 -7.22 -22.54 -4.29
C GLY A 524 -6.61 -23.69 -5.08
N LYS A 525 -5.93 -24.61 -4.40
CA LYS A 525 -5.34 -25.83 -5.00
C LYS A 525 -4.26 -25.46 -6.01
N ASN A 526 -3.62 -24.30 -5.90
CA ASN A 526 -2.48 -23.92 -6.77
C ASN A 526 -1.32 -23.48 -5.86
N LYS A 527 -0.40 -24.38 -5.58
CA LYS A 527 0.73 -24.16 -4.65
C LYS A 527 1.52 -22.91 -5.06
N GLU A 528 1.87 -22.79 -6.32
CA GLU A 528 2.75 -21.70 -6.79
C GLU A 528 2.06 -20.36 -6.56
N VAL A 529 0.77 -20.25 -6.87
CA VAL A 529 0.07 -18.95 -6.71
C VAL A 529 0.00 -18.65 -5.21
N ASN A 530 -0.27 -19.65 -4.39
CA ASN A 530 -0.36 -19.44 -2.92
C ASN A 530 0.96 -18.87 -2.39
N ILE A 531 2.09 -19.45 -2.76
CA ILE A 531 3.43 -18.99 -2.29
C ILE A 531 3.63 -17.55 -2.80
N ARG A 532 3.34 -17.34 -4.08
CA ARG A 532 3.62 -16.00 -4.68
C ARG A 532 2.73 -14.97 -4.01
N ASP A 533 1.53 -15.31 -3.55
CA ASP A 533 0.65 -14.29 -2.93
C ASP A 533 1.18 -13.93 -1.54
N PHE A 534 1.64 -14.91 -0.77
CA PHE A 534 2.27 -14.66 0.54
C PHE A 534 3.54 -13.84 0.35
N GLN A 535 4.29 -14.11 -0.72
CA GLN A 535 5.58 -13.42 -0.92
C GLN A 535 5.36 -11.90 -1.06
N TRP A 536 4.53 -11.46 -2.00
CA TRP A 536 4.45 -9.99 -2.23
C TRP A 536 3.64 -9.34 -1.10
N LYS A 537 2.66 -10.03 -0.52
CA LYS A 537 1.80 -9.37 0.50
C LYS A 537 2.53 -9.17 1.82
N THR A 538 3.71 -9.78 1.97
N THR A 538 3.72 -9.73 1.99
CA THR A 538 4.72 -9.45 3.02
CA THR A 538 4.54 -9.41 3.17
C THR A 538 4.89 -7.94 3.06
C THR A 538 4.98 -7.94 3.07
N PHE A 539 4.91 -7.35 1.87
CA PHE A 539 5.23 -5.92 1.65
C PHE A 539 3.95 -5.16 1.35
N THR A 540 2.93 -5.40 2.17
CA THR A 540 1.63 -4.72 2.11
C THR A 540 1.04 -4.62 3.50
N PRO A 541 0.06 -3.72 3.72
CA PRO A 541 -0.47 -3.51 5.07
C PRO A 541 -1.28 -4.70 5.63
N VAL A 542 -2.39 -5.06 5.00
CA VAL A 542 -3.41 -5.92 5.64
C VAL A 542 -3.52 -7.24 4.87
N GLN A 543 -3.31 -8.34 5.58
CA GLN A 543 -3.35 -9.72 5.05
C GLN A 543 -4.45 -10.50 5.75
N LEU A 544 -5.47 -10.96 5.01
CA LEU A 544 -6.66 -11.60 5.61
C LEU A 544 -6.71 -13.05 5.12
N ASN A 545 -6.59 -14.03 5.99
CA ASN A 545 -6.86 -15.44 5.65
C ASN A 545 -8.35 -15.62 5.81
N MET A 546 -9.07 -15.45 4.71
CA MET A 546 -10.54 -15.40 4.68
C MET A 546 -11.02 -16.81 4.35
N ASP A 547 -11.23 -17.59 5.39
CA ASP A 547 -11.38 -19.06 5.35
C ASP A 547 -12.85 -19.46 5.35
N GLY A 548 -13.13 -20.68 4.89
CA GLY A 548 -14.47 -21.31 4.99
C GLY A 548 -15.18 -21.50 3.66
N TRP A 549 -14.69 -20.93 2.56
CA TRP A 549 -15.42 -20.95 1.27
C TRP A 549 -14.53 -21.44 0.14
N GLY A 550 -13.28 -21.78 0.39
CA GLY A 550 -12.30 -22.09 -0.65
C GLY A 550 -12.23 -23.57 -1.00
N SER A 551 -11.40 -23.91 -1.99
CA SER A 551 -11.07 -25.29 -2.45
C SER A 551 -10.26 -26.02 -1.38
N ASN A 552 -9.62 -25.26 -0.48
CA ASN A 552 -8.83 -25.73 0.68
C ASN A 552 -9.01 -24.67 1.75
N PRO A 553 -8.65 -25.00 3.00
CA PRO A 553 -8.63 -24.00 4.05
C PRO A 553 -7.70 -22.85 3.67
N LYS A 554 -8.07 -21.65 4.12
CA LYS A 554 -7.28 -20.41 3.88
C LYS A 554 -6.37 -20.18 5.07
N THR A 555 -5.18 -20.77 5.02
CA THR A 555 -4.10 -20.64 6.01
C THR A 555 -2.79 -20.64 5.27
N PRO A 556 -1.70 -20.18 5.92
CA PRO A 556 -0.37 -20.29 5.33
C PRO A 556 0.22 -21.71 5.36
N PHE A 557 -0.53 -22.69 5.89
CA PHE A 557 -0.06 -24.09 6.05
C PHE A 557 -1.02 -25.05 5.37
N ALA A 558 -1.71 -24.62 4.32
CA ALA A 558 -2.72 -25.42 3.60
C ALA A 558 -2.12 -26.29 2.50
N PHE A 559 -0.86 -26.06 2.14
CA PHE A 559 -0.16 -26.80 1.06
C PHE A 559 0.94 -27.66 1.68
N ASP A 560 1.94 -28.02 0.88
CA ASP A 560 2.99 -28.97 1.34
C ASP A 560 3.98 -28.24 2.27
N GLN A 561 4.94 -28.96 2.83
CA GLN A 561 5.89 -28.39 3.82
C GLN A 561 6.72 -27.27 3.15
N GLU A 562 7.07 -27.43 1.89
CA GLU A 562 7.88 -26.40 1.18
C GLU A 562 7.08 -25.09 1.16
N ALA A 563 5.82 -25.14 0.71
CA ALA A 563 4.94 -23.95 0.67
C ALA A 563 4.83 -23.36 2.08
N THR A 564 4.57 -24.20 3.06
CA THR A 564 4.43 -23.76 4.46
C THR A 564 5.71 -23.06 4.93
N ASP A 565 6.88 -23.64 4.62
CA ASP A 565 8.16 -23.08 5.09
C ASP A 565 8.44 -21.76 4.36
N LEU A 566 8.08 -21.66 3.09
CA LEU A 566 8.28 -20.37 2.37
C LEU A 566 7.31 -19.33 2.91
N ASN A 567 6.04 -19.69 3.04
CA ASN A 567 5.05 -18.73 3.61
C ASN A 567 5.54 -18.24 4.97
N ARG A 568 5.99 -19.12 5.85
CA ARG A 568 6.52 -18.71 7.17
C ARG A 568 7.71 -17.76 6.95
N ALA A 569 8.64 -18.12 6.08
CA ALA A 569 9.86 -17.29 5.88
C ALA A 569 9.45 -15.86 5.55
N TYR A 570 8.44 -15.68 4.69
CA TYR A 570 8.02 -14.31 4.26
C TYR A 570 7.23 -13.63 5.39
N LEU A 571 6.40 -14.35 6.10
CA LEU A 571 5.64 -13.78 7.25
C LEU A 571 6.63 -13.38 8.35
N LYS A 572 7.67 -14.17 8.58
CA LYS A 572 8.71 -13.81 9.58
C LYS A 572 9.47 -12.58 9.10
N LEU A 573 9.75 -12.45 7.81
CA LEU A 573 10.43 -11.23 7.31
C LEU A 573 9.57 -10.02 7.65
N LYS A 574 8.26 -10.09 7.38
CA LYS A 574 7.39 -8.94 7.72
C LYS A 574 7.47 -8.62 9.22
N SER A 575 7.50 -9.64 10.07
CA SER A 575 7.55 -9.43 11.53
C SER A 575 8.87 -8.72 11.89
N MET A 576 9.97 -9.09 11.23
CA MET A 576 11.30 -8.51 11.49
C MET A 576 11.35 -7.07 10.97
N MET A 577 10.58 -6.76 9.93
CA MET A 577 10.52 -5.39 9.36
C MET A 577 9.55 -4.49 10.11
N MET A 578 8.98 -4.90 11.23
CA MET A 578 7.90 -4.09 11.86
C MET A 578 8.34 -2.68 12.22
N PRO A 579 9.58 -2.39 12.69
CA PRO A 579 9.97 -1.01 12.95
C PRO A 579 9.96 -0.16 11.65
N TYR A 580 10.47 -0.69 10.55
CA TYR A 580 10.41 -0.01 9.24
C TYR A 580 8.94 0.20 8.82
N ASN A 581 8.18 -0.87 8.89
CA ASN A 581 6.75 -0.87 8.46
C ASN A 581 5.93 0.14 9.28
N TYR A 582 6.13 0.18 10.59
CA TYR A 582 5.36 1.10 11.45
C TYR A 582 5.80 2.53 11.18
N SER A 583 7.07 2.71 10.81
CA SER A 583 7.62 4.06 10.49
C SER A 583 6.97 4.56 9.21
N ILE A 584 6.92 3.75 8.17
CA ILE A 584 6.26 4.21 6.93
C ILE A 584 4.74 4.31 7.14
N ALA A 585 4.17 3.53 8.06
CA ALA A 585 2.75 3.71 8.41
C ALA A 585 2.57 5.11 9.00
N LYS A 586 3.40 5.50 9.98
CA LYS A 586 3.30 6.86 10.55
C LYS A 586 3.39 7.90 9.43
N GLU A 587 4.32 7.76 8.49
CA GLU A 587 4.45 8.72 7.38
C GLU A 587 3.12 8.81 6.63
N SER A 588 2.44 7.68 6.43
CA SER A 588 1.20 7.62 5.64
C SER A 588 0.05 8.34 6.35
N VAL A 589 0.16 8.69 7.63
CA VAL A 589 -0.91 9.44 8.36
C VAL A 589 -0.95 10.87 7.82
N ASP A 590 0.16 11.38 7.30
CA ASP A 590 0.20 12.80 6.82
C ASP A 590 1.28 12.92 5.76
N GLY A 591 1.21 12.07 4.75
CA GLY A 591 2.20 12.05 3.68
C GLY A 591 2.01 10.85 2.77
N LEU A 592 3.08 10.43 2.13
CA LEU A 592 3.00 9.36 1.11
C LEU A 592 2.46 8.09 1.75
N PRO A 593 1.68 7.31 1.00
CA PRO A 593 1.19 6.03 1.51
C PRO A 593 2.30 4.98 1.56
N MET A 594 1.97 3.80 2.10
CA MET A 594 2.97 2.73 2.35
C MET A 594 3.30 2.03 1.03
N VAL A 595 2.26 1.65 0.29
CA VAL A 595 2.38 1.12 -1.09
C VAL A 595 2.47 2.33 -2.03
N ARG A 596 3.63 2.55 -2.64
CA ARG A 596 3.91 3.79 -3.41
C ARG A 596 4.05 3.48 -4.90
N ALA A 597 3.19 4.09 -5.71
CA ALA A 597 3.41 4.07 -7.18
C ALA A 597 4.85 4.50 -7.44
N MET A 598 5.44 4.01 -8.52
CA MET A 598 6.84 4.36 -8.83
C MET A 598 6.95 5.89 -8.94
N ALA A 599 5.96 6.57 -9.51
CA ALA A 599 6.01 8.03 -9.73
C ALA A 599 6.15 8.80 -8.40
N LEU A 600 5.67 8.27 -7.27
CA LEU A 600 5.78 8.99 -5.98
C LEU A 600 7.24 9.14 -5.59
N GLU A 601 8.08 8.15 -5.92
CA GLU A 601 9.50 8.12 -5.52
C GLU A 601 10.39 8.59 -6.66
N PHE A 602 9.95 8.51 -7.90
CA PHE A 602 10.75 8.87 -9.10
C PHE A 602 9.92 9.76 -10.01
N PRO A 603 9.53 10.96 -9.51
CA PRO A 603 8.61 11.82 -10.25
C PRO A 603 9.17 12.37 -11.57
N ASN A 604 10.49 12.31 -11.76
CA ASN A 604 11.10 12.91 -12.97
C ASN A 604 11.24 11.88 -14.09
N GLU A 605 10.77 10.63 -13.92
CA GLU A 605 10.91 9.58 -14.94
C GLU A 605 9.54 9.24 -15.54
N GLY A 606 9.39 9.33 -16.85
CA GLY A 606 8.09 9.09 -17.50
C GLY A 606 7.61 7.66 -17.28
N THR A 607 8.53 6.71 -17.26
CA THR A 607 8.22 5.26 -17.09
C THR A 607 7.45 5.04 -15.78
N ALA A 608 7.68 5.87 -14.76
CA ALA A 608 7.12 5.71 -13.40
C ALA A 608 5.60 5.98 -13.37
N TYR A 609 5.06 6.61 -14.42
CA TYR A 609 3.66 7.11 -14.45
C TYR A 609 2.72 6.20 -15.26
N THR A 610 3.28 5.32 -16.11
CA THR A 610 2.52 4.55 -17.13
C THR A 610 2.29 3.11 -16.66
N LYS A 611 1.64 2.30 -17.49
CA LYS A 611 1.42 0.87 -17.18
C LYS A 611 2.76 0.12 -17.14
N ASP A 612 3.87 0.71 -17.59
CA ASP A 612 5.18 0.07 -17.36
C ASP A 612 5.38 -0.07 -15.84
N SER A 613 4.68 0.71 -15.02
CA SER A 613 4.78 0.68 -13.54
C SER A 613 3.55 0.05 -12.88
N GLN A 614 2.77 -0.77 -13.59
CA GLN A 614 1.47 -1.26 -13.04
C GLN A 614 1.69 -2.50 -12.14
N TYR A 615 2.80 -3.22 -12.26
CA TYR A 615 3.00 -4.50 -11.53
C TYR A 615 4.16 -4.42 -10.54
N GLN A 616 4.52 -3.20 -10.10
CA GLN A 616 5.59 -3.04 -9.10
C GLN A 616 5.32 -1.76 -8.32
N TYR A 617 5.97 -1.65 -7.18
CA TYR A 617 5.79 -0.46 -6.34
C TYR A 617 6.96 -0.35 -5.38
N MET A 618 7.03 0.80 -4.73
CA MET A 618 7.96 1.03 -3.59
C MET A 618 7.21 0.80 -2.28
N TRP A 619 7.73 -0.12 -1.47
CA TRP A 619 7.22 -0.37 -0.11
C TRP A 619 7.98 0.57 0.82
N GLY A 620 7.39 1.73 1.08
CA GLY A 620 8.12 2.85 1.64
C GLY A 620 9.18 3.34 0.66
N PRO A 621 10.20 4.07 1.15
CA PRO A 621 11.21 4.61 0.25
C PRO A 621 12.33 3.66 -0.17
N ASN A 622 12.47 2.52 0.51
CA ASN A 622 13.74 1.76 0.49
C ASN A 622 13.64 0.47 -0.32
N LEU A 623 12.45 -0.02 -0.63
CA LEU A 623 12.31 -1.38 -1.24
C LEU A 623 11.42 -1.32 -2.47
N LEU A 624 11.94 -1.77 -3.59
CA LEU A 624 11.20 -1.94 -4.86
C LEU A 624 10.72 -3.39 -4.95
N VAL A 625 9.41 -3.56 -5.00
CA VAL A 625 8.75 -4.88 -5.01
C VAL A 625 8.16 -5.08 -6.41
N ALA A 626 8.54 -6.18 -7.06
CA ALA A 626 8.12 -6.49 -8.44
C ALA A 626 7.59 -7.92 -8.44
N PRO A 627 6.35 -8.13 -7.94
CA PRO A 627 5.87 -9.49 -7.73
C PRO A 627 5.84 -10.31 -9.01
N ILE A 628 5.94 -11.63 -8.81
CA ILE A 628 5.62 -12.64 -9.87
C ILE A 628 4.09 -12.73 -9.97
N TYR A 629 3.52 -12.54 -11.16
CA TYR A 629 2.07 -12.42 -11.36
C TYR A 629 1.58 -13.31 -12.52
N ASN A 630 2.45 -14.16 -13.08
CA ASN A 630 2.01 -15.13 -14.12
C ASN A 630 2.82 -16.42 -14.00
N GLY A 631 2.39 -17.47 -14.75
CA GLY A 631 2.92 -18.84 -14.64
C GLY A 631 4.08 -19.12 -15.60
N ASN A 632 4.63 -18.09 -16.25
CA ASN A 632 5.73 -18.27 -17.24
C ASN A 632 6.96 -18.81 -16.52
N GLN A 633 7.50 -19.94 -17.00
CA GLN A 633 8.66 -20.60 -16.39
C GLN A 633 9.66 -21.00 -17.48
N ASP A 634 10.92 -21.11 -17.10
CA ASP A 634 11.98 -21.72 -17.95
C ASP A 634 11.99 -23.22 -17.64
N GLU A 635 12.89 -23.97 -18.28
CA GLU A 635 12.94 -25.45 -18.18
C GLU A 635 13.43 -25.88 -16.79
N ALA A 636 14.12 -25.00 -16.07
CA ALA A 636 14.65 -25.23 -14.70
C ALA A 636 13.61 -24.90 -13.62
N GLY A 637 12.39 -24.51 -14.01
CA GLY A 637 11.28 -24.20 -13.07
C GLY A 637 11.38 -22.80 -12.47
N ASN A 638 12.27 -21.95 -12.96
CA ASN A 638 12.29 -20.52 -12.54
C ASN A 638 11.12 -19.81 -13.20
N SER A 639 10.44 -18.93 -12.45
CA SER A 639 9.52 -17.94 -13.05
C SER A 639 10.34 -16.98 -13.92
N ILE A 640 9.80 -16.60 -15.06
CA ILE A 640 10.45 -15.59 -15.95
C ILE A 640 9.70 -14.27 -15.72
N ARG A 641 10.39 -13.32 -15.08
CA ARG A 641 9.83 -11.98 -14.79
C ARG A 641 10.33 -10.97 -15.84
N ASP A 642 9.41 -10.47 -16.65
CA ASP A 642 9.68 -9.39 -17.62
C ASP A 642 9.24 -8.07 -16.99
N GLY A 643 9.78 -6.98 -17.51
CA GLY A 643 9.34 -5.61 -17.21
C GLY A 643 9.68 -5.17 -15.80
N ILE A 644 10.81 -5.56 -15.25
CA ILE A 644 11.25 -5.01 -13.93
C ILE A 644 11.88 -3.65 -14.21
N TYR A 645 11.14 -2.57 -13.93
CA TYR A 645 11.63 -1.19 -14.10
C TYR A 645 12.47 -0.80 -12.89
N LEU A 646 13.77 -0.60 -13.11
CA LEU A 646 14.69 -0.11 -12.06
C LEU A 646 14.97 1.36 -12.34
N PRO A 647 14.36 2.29 -11.59
CA PRO A 647 14.54 3.71 -11.88
C PRO A 647 15.96 4.21 -11.66
N ASP A 648 16.27 5.31 -12.35
CA ASP A 648 17.41 6.23 -12.07
C ASP A 648 18.72 5.61 -12.56
N GLU A 649 19.22 6.12 -13.68
CA GLU A 649 20.48 5.63 -14.28
C GLU A 649 21.65 5.79 -13.30
N LYS A 650 21.55 6.60 -12.25
CA LYS A 650 22.66 6.87 -11.30
C LYS A 650 22.49 6.05 -10.01
N GLN A 651 21.47 5.19 -9.93
CA GLN A 651 21.13 4.46 -8.69
C GLN A 651 21.50 2.97 -8.80
N VAL A 652 22.18 2.49 -7.79
CA VAL A 652 22.41 1.03 -7.64
C VAL A 652 21.24 0.43 -6.83
N TRP A 653 20.73 -0.69 -7.34
CA TRP A 653 19.65 -1.49 -6.70
C TRP A 653 20.20 -2.84 -6.25
N VAL A 654 19.87 -3.25 -5.04
CA VAL A 654 20.51 -4.43 -4.41
C VAL A 654 19.46 -5.49 -4.12
N ASP A 655 19.65 -6.70 -4.65
CA ASP A 655 18.74 -7.84 -4.37
C ASP A 655 18.69 -8.05 -2.86
N LEU A 656 17.52 -7.97 -2.23
CA LEU A 656 17.41 -8.03 -0.75
C LEU A 656 17.96 -9.37 -0.24
N PHE A 657 17.79 -10.42 -1.04
CA PHE A 657 18.01 -11.83 -0.61
C PHE A 657 19.44 -12.23 -0.88
N THR A 658 20.03 -11.80 -2.00
CA THR A 658 21.35 -12.32 -2.44
C THR A 658 22.45 -11.27 -2.36
N GLY A 659 22.12 -9.98 -2.35
CA GLY A 659 23.12 -8.89 -2.41
C GLY A 659 23.59 -8.58 -3.83
N GLU A 660 23.06 -9.25 -4.84
CA GLU A 660 23.42 -8.98 -6.25
C GLU A 660 23.01 -7.55 -6.60
N LYS A 661 23.87 -6.84 -7.31
CA LYS A 661 23.65 -5.41 -7.65
C LYS A 661 23.26 -5.21 -9.10
N TYR A 662 22.40 -4.21 -9.32
CA TYR A 662 21.81 -3.85 -10.61
C TYR A 662 21.82 -2.33 -10.76
N GLN A 663 22.22 -1.86 -11.93
CA GLN A 663 22.15 -0.42 -12.24
C GLN A 663 20.72 -0.04 -12.61
N GLY A 664 20.25 1.11 -12.13
CA GLY A 664 18.96 1.68 -12.55
C GLY A 664 19.03 2.29 -13.94
N GLY A 665 17.92 2.84 -14.40
CA GLY A 665 17.78 3.45 -15.73
C GLY A 665 17.43 2.41 -16.78
N ARG A 666 16.84 1.29 -16.37
CA ARG A 666 16.59 0.17 -17.31
C ARG A 666 15.30 -0.53 -16.93
N VAL A 667 14.67 -1.19 -17.90
CA VAL A 667 13.60 -2.19 -17.66
C VAL A 667 14.19 -3.56 -18.01
N LEU A 668 14.28 -4.46 -17.03
CA LEU A 668 14.86 -5.81 -17.24
C LEU A 668 13.80 -6.82 -17.68
N ASN A 669 14.08 -7.56 -18.76
CA ASN A 669 13.27 -8.71 -19.19
C ASN A 669 14.00 -10.01 -18.83
N GLY A 670 13.24 -11.12 -18.79
CA GLY A 670 13.75 -12.50 -18.66
C GLY A 670 14.49 -12.75 -17.37
N VAL A 671 14.08 -12.09 -16.27
CA VAL A 671 14.72 -12.24 -14.93
C VAL A 671 14.24 -13.58 -14.34
N LYS A 672 15.18 -14.49 -14.12
CA LYS A 672 14.88 -15.85 -13.63
C LYS A 672 14.64 -15.79 -12.12
N THR A 673 13.44 -16.18 -11.69
CA THR A 673 12.99 -16.08 -10.28
C THR A 673 12.58 -17.44 -9.77
N PRO A 674 13.41 -18.11 -8.95
CA PRO A 674 13.03 -19.40 -8.37
C PRO A 674 11.75 -19.25 -7.52
N LEU A 675 11.11 -20.38 -7.28
CA LEU A 675 9.86 -20.41 -6.49
C LEU A 675 10.07 -19.74 -5.13
N TRP A 676 11.24 -19.87 -4.51
CA TRP A 676 11.49 -19.37 -3.14
C TRP A 676 11.56 -17.84 -3.13
N LYS A 677 11.77 -17.22 -4.28
CA LYS A 677 12.20 -15.81 -4.36
C LYS A 677 11.08 -14.94 -4.93
N VAL A 678 10.92 -13.75 -4.37
CA VAL A 678 10.14 -12.67 -5.02
C VAL A 678 11.11 -11.52 -5.32
N PRO A 679 11.03 -10.88 -6.49
CA PRO A 679 11.99 -9.84 -6.84
C PRO A 679 11.77 -8.60 -5.96
N VAL A 680 12.71 -8.35 -5.06
CA VAL A 680 12.73 -7.18 -4.16
C VAL A 680 14.12 -6.59 -4.20
N PHE A 681 14.19 -5.28 -4.40
CA PHE A 681 15.46 -4.56 -4.55
C PHE A 681 15.52 -3.44 -3.53
N VAL A 682 16.64 -3.39 -2.82
CA VAL A 682 16.93 -2.30 -1.86
C VAL A 682 17.51 -1.15 -2.66
N LYS A 683 17.01 0.05 -2.41
CA LYS A 683 17.62 1.31 -2.92
C LYS A 683 18.94 1.54 -2.18
N ASP A 684 20.08 1.36 -2.83
CA ASP A 684 21.36 1.48 -2.11
C ASP A 684 21.40 2.85 -1.40
N GLY A 685 21.79 2.85 -0.13
CA GLY A 685 21.71 4.00 0.79
C GLY A 685 20.69 3.75 1.89
N SER A 686 19.84 2.73 1.70
CA SER A 686 18.69 2.47 2.62
C SER A 686 19.18 2.16 4.03
N ILE A 687 18.47 2.73 5.00
CA ILE A 687 18.44 2.32 6.42
C ILE A 687 17.11 1.63 6.68
N ILE A 688 17.15 0.37 7.10
CA ILE A 688 15.93 -0.42 7.40
C ILE A 688 15.96 -0.85 8.86
N PRO A 689 15.19 -0.17 9.75
CA PRO A 689 15.05 -0.63 11.13
C PRO A 689 14.37 -2.00 11.16
N MET A 690 14.92 -2.90 11.99
N MET A 690 14.91 -2.91 11.98
CA MET A 690 14.49 -4.31 12.09
CA MET A 690 14.42 -4.30 12.05
C MET A 690 14.27 -4.70 13.56
C MET A 690 14.42 -4.79 13.50
N THR A 691 13.68 -5.85 13.77
CA THR A 691 13.51 -6.43 15.13
C THR A 691 13.64 -7.95 15.01
N ASN A 692 13.60 -8.62 16.15
CA ASN A 692 13.67 -10.10 16.21
C ASN A 692 12.45 -10.66 15.48
N PRO A 693 12.56 -11.84 14.86
CA PRO A 693 11.40 -12.54 14.31
C PRO A 693 10.40 -12.76 15.45
N ASN A 694 9.11 -12.63 15.14
CA ASN A 694 8.07 -12.59 16.19
C ASN A 694 6.73 -12.96 15.54
N ASN A 695 5.79 -13.51 16.31
CA ASN A 695 4.49 -13.97 15.78
C ASN A 695 3.39 -12.96 16.13
N ASN A 696 3.70 -11.92 16.87
CA ASN A 696 2.74 -10.88 17.27
C ASN A 696 3.49 -9.79 18.00
N PRO A 697 2.92 -8.56 18.13
CA PRO A 697 3.67 -7.45 18.72
C PRO A 697 4.22 -7.70 20.13
N LYS A 698 3.54 -8.52 20.93
CA LYS A 698 3.99 -8.76 22.33
C LYS A 698 5.25 -9.62 22.35
N GLU A 699 5.66 -10.24 21.24
CA GLU A 699 6.93 -11.01 21.16
C GLU A 699 8.11 -10.16 20.69
N ILE A 700 7.89 -8.89 20.36
CA ILE A 700 9.00 -7.96 19.99
C ILE A 700 9.82 -7.59 21.24
N GLN A 701 11.14 -7.63 21.12
CA GLN A 701 12.05 -7.24 22.23
C GLN A 701 12.20 -5.71 22.21
N ARG A 702 11.51 -5.04 23.12
CA ARG A 702 11.41 -3.56 23.20
C ARG A 702 12.71 -3.00 23.77
N ASP A 703 13.59 -3.84 24.32
CA ASP A 703 14.88 -3.38 24.91
C ASP A 703 16.02 -3.62 23.92
N GLN A 704 15.69 -3.72 22.62
CA GLN A 704 16.69 -3.82 21.54
C GLN A 704 16.26 -2.91 20.41
N ARG A 705 17.22 -2.49 19.61
CA ARG A 705 16.95 -1.86 18.30
C ARG A 705 18.04 -2.34 17.38
N SER A 706 17.70 -2.47 16.10
CA SER A 706 18.60 -3.03 15.08
C SER A 706 18.41 -2.29 13.77
N PHE A 707 19.49 -2.06 13.03
CA PHE A 707 19.43 -1.32 11.75
C PHE A 707 20.23 -2.08 10.71
N LEU A 708 19.55 -2.49 9.64
CA LEU A 708 20.18 -3.06 8.43
C LEU A 708 20.45 -1.88 7.50
N ILE A 709 21.72 -1.59 7.19
CA ILE A 709 22.10 -0.34 6.48
C ILE A 709 22.93 -0.71 5.25
N TYR A 710 22.54 -0.15 4.12
CA TYR A 710 23.25 -0.24 2.83
C TYR A 710 23.89 1.12 2.58
N PRO A 711 25.08 1.45 3.14
CA PRO A 711 25.54 2.82 3.06
C PRO A 711 25.80 3.28 1.62
N ASN A 712 25.47 4.54 1.34
CA ASN A 712 25.66 5.13 -0.01
C ASN A 712 25.47 6.63 0.10
N GLY A 713 26.58 7.37 0.24
CA GLY A 713 26.48 8.81 0.49
C GLY A 713 25.79 9.07 1.80
N ALA A 714 25.02 10.16 1.86
CA ALA A 714 24.38 10.63 3.11
C ALA A 714 22.89 10.35 3.03
N THR A 715 22.43 9.44 3.89
CA THR A 715 21.02 9.02 3.96
C THR A 715 20.57 9.01 5.41
N SER A 716 19.25 8.95 5.58
N SER A 716 19.25 9.03 5.62
CA SER A 716 18.58 9.11 6.89
CA SER A 716 18.66 9.06 6.99
C SER A 716 17.34 8.22 6.95
C SER A 716 17.28 8.41 6.97
N PHE A 717 16.82 8.02 8.15
CA PHE A 717 15.52 7.38 8.38
C PHE A 717 14.99 7.88 9.70
N ASN A 718 13.68 8.10 9.81
CA ASN A 718 13.02 8.48 11.07
C ASN A 718 12.21 7.27 11.55
N MET A 719 12.66 6.66 12.64
CA MET A 719 12.01 5.46 13.20
C MET A 719 10.96 5.89 14.21
N TYR A 720 9.71 5.61 13.91
CA TYR A 720 8.53 5.97 14.74
C TYR A 720 8.19 4.82 15.66
N GLU A 721 7.71 5.16 16.86
CA GLU A 721 7.17 4.18 17.82
C GLU A 721 6.11 4.82 18.69
N ASP A 722 5.24 4.00 19.24
CA ASP A 722 4.25 4.45 20.24
C ASP A 722 3.82 3.21 21.04
N ASP A 723 2.73 3.29 21.81
CA ASP A 723 2.32 2.15 22.64
C ASP A 723 1.70 1.05 21.78
N GLY A 724 1.50 1.30 20.49
CA GLY A 724 1.09 0.25 19.53
C GLY A 724 -0.39 -0.06 19.55
N ILE A 725 -1.19 0.52 20.45
CA ILE A 725 -2.57 0.03 20.66
C ILE A 725 -3.59 1.14 20.94
N SER A 726 -3.23 2.26 21.58
CA SER A 726 -4.23 3.20 22.13
C SER A 726 -4.44 4.37 21.16
N THR A 727 -5.34 5.29 21.51
CA THR A 727 -5.53 6.57 20.78
C THR A 727 -4.51 7.64 21.20
N SER A 728 -3.62 7.33 22.13
CA SER A 728 -2.76 8.36 22.77
C SER A 728 -1.75 8.96 21.79
N TYR A 729 -1.43 8.29 20.69
CA TYR A 729 -0.57 8.86 19.62
C TYR A 729 -1.21 10.15 19.08
N GLU A 730 -2.52 10.28 19.14
CA GLU A 730 -3.25 11.47 18.63
C GLU A 730 -3.21 12.62 19.65
N ALA A 731 -2.70 12.35 20.86
CA ALA A 731 -2.52 13.31 21.97
C ALA A 731 -1.03 13.41 22.32
N GLY A 732 -0.15 13.18 21.34
CA GLY A 732 1.30 13.46 21.42
C GLY A 732 2.13 12.39 22.12
N GLN A 733 1.56 11.22 22.41
CA GLN A 733 2.28 10.11 23.09
C GLN A 733 2.86 9.20 22.01
N SER A 734 4.07 9.50 21.59
CA SER A 734 4.87 8.73 20.63
C SER A 734 6.32 9.15 20.73
N ALA A 735 7.22 8.44 20.07
CA ALA A 735 8.65 8.82 20.04
C ALA A 735 9.21 8.61 18.64
N THR A 736 10.25 9.37 18.31
CA THR A 736 10.96 9.21 17.02
C THR A 736 12.47 9.18 17.30
N THR A 737 13.18 8.50 16.43
CA THR A 737 14.65 8.34 16.47
C THR A 737 15.14 8.59 15.05
N LYS A 738 16.05 9.55 14.87
CA LYS A 738 16.66 9.83 13.55
C LYS A 738 17.95 9.07 13.46
N ILE A 739 18.06 8.22 12.45
CA ILE A 739 19.29 7.46 12.13
C ILE A 739 19.90 8.06 10.88
N ASN A 740 21.20 8.31 10.91
CA ASN A 740 21.91 9.00 9.83
C ASN A 740 23.07 8.10 9.42
N SER A 741 23.24 7.89 8.12
CA SER A 741 24.38 7.17 7.51
C SER A 741 25.10 8.10 6.56
N GLN A 742 26.38 8.35 6.82
CA GLN A 742 27.24 9.21 5.96
C GLN A 742 28.45 8.38 5.56
N GLY A 743 28.42 7.88 4.33
CA GLY A 743 29.50 7.01 3.84
C GLY A 743 29.87 7.33 2.40
N PRO A 744 30.77 6.52 1.83
CA PRO A 744 31.16 6.66 0.44
C PRO A 744 29.99 6.30 -0.47
N LYS A 745 30.08 6.70 -1.72
CA LYS A 745 29.11 6.33 -2.77
C LYS A 745 29.14 4.80 -2.90
N SER A 746 28.06 4.22 -3.41
CA SER A 746 27.97 2.79 -3.77
C SER A 746 29.31 2.29 -4.32
N ASN A 747 29.83 1.19 -3.75
CA ASN A 747 30.98 0.42 -4.29
C ASN A 747 32.32 1.10 -4.07
N GLU A 748 32.35 2.23 -3.39
CA GLU A 748 33.60 2.99 -3.17
C GLU A 748 34.05 2.92 -1.72
N LYS A 749 35.34 3.07 -1.50
CA LYS A 749 35.90 3.04 -0.14
C LYS A 749 35.94 4.45 0.48
N GLY A 750 35.69 4.55 1.77
CA GLY A 750 35.80 5.84 2.48
C GLY A 750 35.40 5.72 3.93
N ASP A 751 35.28 6.86 4.60
CA ASP A 751 34.83 6.92 6.01
C ASP A 751 33.33 6.67 6.01
N LEU A 752 32.85 5.90 6.99
CA LEU A 752 31.39 5.76 7.28
C LEU A 752 31.15 6.23 8.71
N THR A 753 30.23 7.19 8.87
CA THR A 753 29.72 7.61 10.19
C THR A 753 28.22 7.30 10.24
N VAL A 754 27.82 6.40 11.14
CA VAL A 754 26.40 6.12 11.46
C VAL A 754 26.10 6.80 12.79
N THR A 755 25.13 7.72 12.79
CA THR A 755 24.70 8.45 14.00
C THR A 755 23.26 8.06 14.31
N ILE A 756 23.02 7.60 15.52
CA ILE A 756 21.64 7.49 16.07
C ILE A 756 21.42 8.65 17.02
N GLU A 757 20.57 9.59 16.64
CA GLU A 757 20.29 10.78 17.50
C GLU A 757 19.42 10.34 18.66
N PRO A 758 19.44 11.08 19.79
CA PRO A 758 18.64 10.71 20.95
C PRO A 758 17.15 10.58 20.58
N THR A 759 16.50 9.57 21.12
CA THR A 759 15.04 9.34 20.95
C THR A 759 14.28 10.52 21.59
N LYS A 760 13.30 11.06 20.88
CA LYS A 760 12.47 12.20 21.31
C LYS A 760 11.03 11.73 21.49
N GLY A 761 10.47 11.93 22.67
CA GLY A 761 9.06 11.70 22.99
C GLY A 761 8.93 10.62 24.04
N SER A 762 7.73 10.36 24.50
CA SER A 762 7.44 9.28 25.46
C SER A 762 6.00 8.81 25.29
N TYR A 763 5.68 7.68 25.89
CA TYR A 763 4.34 7.06 25.83
C TYR A 763 4.27 5.98 26.91
N LYS A 764 3.10 5.38 27.11
CA LYS A 764 2.84 4.34 28.13
C LYS A 764 3.81 3.17 27.93
N ASP A 765 4.56 2.82 28.98
CA ASP A 765 5.47 1.65 29.01
C ASP A 765 6.63 1.85 28.02
N PHE A 766 6.97 3.09 27.66
CA PHE A 766 8.20 3.40 26.90
C PHE A 766 9.40 2.72 27.58
N VAL A 767 10.23 2.02 26.81
CA VAL A 767 11.48 1.36 27.28
C VAL A 767 12.65 2.27 26.91
N ASP A 768 13.31 2.86 27.92
CA ASP A 768 14.41 3.83 27.68
C ASP A 768 15.73 3.10 27.47
N GLU A 769 15.93 1.95 28.11
CA GLU A 769 17.24 1.24 28.13
C GLU A 769 17.21 0.14 27.07
N ARG A 770 17.96 0.34 25.98
CA ARG A 770 18.03 -0.60 24.84
C ARG A 770 19.48 -0.84 24.41
N SER A 771 19.75 -2.06 23.97
CA SER A 771 21.00 -2.42 23.25
C SER A 771 20.82 -2.05 21.77
N THR A 772 21.91 -1.89 21.05
CA THR A 772 21.90 -1.44 19.64
C THR A 772 22.70 -2.45 18.80
N THR A 773 22.15 -2.86 17.66
CA THR A 773 22.87 -3.62 16.61
C THR A 773 22.83 -2.82 15.31
N LEU A 774 23.98 -2.69 14.64
CA LEU A 774 24.07 -2.25 13.24
C LEU A 774 24.54 -3.44 12.41
N ASP A 775 23.84 -3.72 11.32
CA ASP A 775 24.28 -4.69 10.30
C ASP A 775 24.58 -3.86 9.05
N LEU A 776 25.85 -3.56 8.80
CA LEU A 776 26.30 -2.69 7.71
C LEU A 776 26.76 -3.58 6.56
N LEU A 777 26.02 -3.67 5.47
CA LEU A 777 26.47 -4.49 4.33
C LEU A 777 27.85 -3.95 3.91
N ALA A 778 28.84 -4.83 3.78
CA ALA A 778 30.26 -4.48 3.60
C ALA A 778 30.95 -5.64 2.88
N SER A 779 31.94 -5.34 2.02
CA SER A 779 32.63 -6.38 1.22
C SER A 779 34.04 -6.69 1.74
N GLU A 780 34.56 -5.89 2.68
CA GLU A 780 35.91 -6.09 3.28
C GLU A 780 35.87 -5.73 4.77
N ALA A 781 36.73 -6.36 5.59
CA ALA A 781 36.98 -5.94 6.98
C ALA A 781 37.43 -4.48 6.97
N PRO A 782 36.97 -3.64 7.93
CA PRO A 782 37.35 -2.23 7.94
C PRO A 782 38.75 -2.03 8.54
N GLU A 783 39.30 -0.83 8.35
CA GLU A 783 40.62 -0.49 8.94
C GLU A 783 40.44 -0.36 10.44
N SER A 784 39.30 0.19 10.87
CA SER A 784 38.98 0.43 12.29
C SER A 784 37.48 0.72 12.46
N VAL A 785 37.00 0.48 13.67
CA VAL A 785 35.61 0.82 14.10
C VAL A 785 35.71 1.51 15.47
N THR A 786 35.28 2.76 15.58
CA THR A 786 35.20 3.43 16.90
C THR A 786 33.74 3.77 17.21
N ALA A 787 33.42 3.87 18.50
CA ALA A 787 32.07 4.16 19.03
C ALA A 787 32.15 5.29 20.05
N MET A 788 31.32 6.31 19.90
CA MET A 788 30.98 7.30 20.95
C MET A 788 29.52 7.07 21.38
N VAL A 789 29.27 7.08 22.69
CA VAL A 789 27.91 6.95 23.28
C VAL A 789 27.72 8.15 24.20
N GLY A 790 26.89 9.12 23.77
CA GLY A 790 26.62 10.37 24.50
C GLY A 790 27.90 11.16 24.74
N GLY A 791 28.82 11.15 23.77
CA GLY A 791 30.05 11.95 23.79
C GLY A 791 31.20 11.27 24.53
N THR A 792 31.02 10.04 25.01
CA THR A 792 32.08 9.23 25.68
C THR A 792 32.46 8.04 24.80
N GLU A 793 33.76 7.80 24.60
CA GLU A 793 34.23 6.63 23.80
C GLU A 793 33.81 5.35 24.53
N VAL A 794 33.34 4.36 23.76
CA VAL A 794 33.12 2.96 24.20
C VAL A 794 34.14 2.11 23.46
N THR A 795 34.99 1.38 24.20
CA THR A 795 36.02 0.50 23.60
C THR A 795 35.31 -0.69 22.95
N LEU A 796 35.58 -0.92 21.67
CA LEU A 796 35.04 -2.08 20.90
C LEU A 796 36.16 -3.10 20.69
N LYS A 797 35.86 -4.38 20.87
CA LYS A 797 36.73 -5.52 20.49
C LYS A 797 36.29 -6.04 19.13
N GLN A 798 37.22 -6.48 18.30
CA GLN A 798 36.92 -7.32 17.11
C GLN A 798 36.63 -8.73 17.63
N ALA A 799 35.43 -9.25 17.39
CA ALA A 799 35.07 -10.66 17.67
C ALA A 799 35.95 -11.55 16.77
N ALA A 800 36.39 -12.70 17.28
CA ALA A 800 37.26 -13.67 16.57
C ALA A 800 36.41 -14.54 15.65
N ASN A 801 35.13 -14.72 15.99
CA ASN A 801 34.20 -15.62 15.26
C ASN A 801 32.76 -15.20 15.56
N LYS A 802 31.78 -15.81 14.90
CA LYS A 802 30.36 -15.40 14.99
C LYS A 802 29.84 -15.73 16.40
N GLU A 803 30.23 -16.86 16.96
CA GLU A 803 29.70 -17.32 18.28
C GLU A 803 30.08 -16.29 19.36
N GLU A 804 31.32 -15.78 19.33
CA GLU A 804 31.81 -14.72 20.24
C GLU A 804 30.94 -13.47 20.04
N PHE A 805 30.66 -13.10 18.79
CA PHE A 805 29.90 -11.87 18.45
C PHE A 805 28.49 -11.95 19.02
N LEU A 806 27.81 -13.09 18.82
CA LEU A 806 26.40 -13.28 19.25
C LEU A 806 26.35 -13.30 20.78
N ALA A 807 27.39 -13.84 21.45
CA ALA A 807 27.48 -13.98 22.92
C ALA A 807 27.78 -12.63 23.60
N GLY A 808 28.57 -11.76 22.98
CA GLY A 808 29.13 -10.55 23.62
C GLY A 808 28.40 -9.27 23.23
N THR A 809 28.85 -8.14 23.77
CA THR A 809 28.42 -6.76 23.41
C THR A 809 29.65 -5.85 23.34
N ASN A 810 29.49 -4.62 22.82
CA ASN A 810 30.60 -3.68 22.55
C ASN A 810 31.66 -4.42 21.70
N LEU A 811 31.21 -5.10 20.64
CA LEU A 811 32.04 -5.83 19.67
C LEU A 811 31.67 -5.39 18.25
N TYR A 812 32.56 -5.61 17.29
CA TYR A 812 32.26 -5.63 15.84
C TYR A 812 32.77 -6.94 15.24
N TYR A 813 32.19 -7.33 14.10
CA TYR A 813 32.52 -8.61 13.43
C TYR A 813 32.24 -8.47 11.94
N PHE A 814 33.25 -8.75 11.11
CA PHE A 814 33.11 -8.85 9.64
C PHE A 814 32.70 -10.29 9.30
N ASP A 815 31.48 -10.45 8.79
CA ASP A 815 30.81 -11.76 8.61
C ASP A 815 30.53 -11.98 7.12
N LYS A 816 31.06 -13.04 6.49
CA LYS A 816 30.72 -13.37 5.08
C LYS A 816 29.62 -14.45 5.07
N GLU A 817 29.05 -14.76 6.24
CA GLU A 817 27.91 -15.71 6.39
C GLU A 817 26.76 -15.00 7.09
N PHE A 818 26.53 -13.72 6.78
CA PHE A 818 25.41 -12.95 7.33
C PHE A 818 24.12 -13.34 6.58
N GLN A 819 23.09 -13.75 7.30
CA GLN A 819 21.80 -14.16 6.67
C GLN A 819 20.70 -13.19 7.08
N VAL A 820 20.15 -12.45 6.11
CA VAL A 820 19.06 -11.45 6.39
C VAL A 820 17.82 -12.21 6.89
N ASN A 821 17.63 -13.46 6.46
CA ASN A 821 16.43 -14.27 6.82
C ASN A 821 16.77 -15.77 6.82
N GLN A 822 17.14 -16.28 7.98
CA GLN A 822 17.56 -17.70 8.11
C GLN A 822 16.37 -18.59 7.74
N TYR A 823 15.13 -18.18 8.00
CA TYR A 823 13.96 -19.01 7.61
C TYR A 823 13.99 -19.22 6.10
N LEU A 824 14.30 -18.17 5.32
CA LEU A 824 14.28 -18.28 3.87
C LEU A 824 15.51 -19.10 3.40
N SER A 825 16.66 -18.91 4.05
CA SER A 825 17.85 -19.73 3.71
C SER A 825 17.43 -21.20 3.82
N GLU A 826 16.83 -21.58 4.95
CA GLU A 826 16.42 -23.00 5.18
C GLU A 826 15.35 -23.42 4.16
N ALA A 827 14.34 -22.58 3.91
CA ALA A 827 13.19 -22.96 3.05
C ALA A 827 13.59 -23.02 1.58
N SER A 828 14.60 -22.25 1.16
CA SER A 828 15.04 -22.16 -0.25
C SER A 828 16.05 -23.28 -0.55
N GLY A 829 16.74 -23.78 0.48
CA GLY A 829 17.87 -24.72 0.29
C GLY A 829 19.12 -24.01 -0.22
N GLU A 830 19.17 -22.69 -0.13
CA GLU A 830 20.31 -21.83 -0.53
C GLU A 830 20.80 -21.10 0.72
N LYS A 831 22.11 -20.94 0.89
CA LYS A 831 22.63 -20.30 2.14
C LYS A 831 22.17 -18.83 2.20
N LEU A 832 22.12 -18.18 1.04
CA LEU A 832 21.82 -16.73 0.90
C LEU A 832 22.73 -15.96 1.84
N ASN A 833 24.02 -16.32 1.85
CA ASN A 833 25.03 -15.62 2.67
C ASN A 833 25.31 -14.26 2.02
N GLN A 834 25.40 -13.22 2.83
CA GLN A 834 25.95 -11.91 2.43
C GLN A 834 27.11 -11.54 3.37
N SER A 835 27.86 -10.55 2.94
CA SER A 835 28.97 -9.99 3.74
C SER A 835 28.47 -8.75 4.47
N ALA A 836 28.70 -8.68 5.77
CA ALA A 836 28.28 -7.53 6.60
C ALA A 836 29.31 -7.24 7.67
N LEU A 837 29.49 -5.96 7.99
CA LEU A 837 30.19 -5.50 9.21
C LEU A 837 29.10 -5.26 10.24
N SER A 838 29.03 -6.06 11.30
CA SER A 838 28.01 -5.96 12.36
C SER A 838 28.64 -5.36 13.61
N VAL A 839 27.92 -4.47 14.28
CA VAL A 839 28.40 -3.74 15.49
C VAL A 839 27.32 -3.85 16.57
N LYS A 840 27.69 -4.25 17.78
CA LYS A 840 26.75 -4.35 18.92
C LYS A 840 27.26 -3.44 20.03
N LEU A 841 26.37 -2.61 20.58
CA LEU A 841 26.63 -1.77 21.77
C LEU A 841 25.73 -2.20 22.91
N ALA A 842 26.25 -2.08 24.11
CA ALA A 842 25.57 -2.42 25.38
C ALA A 842 24.34 -1.53 25.57
N LYS A 843 23.43 -1.99 26.42
CA LYS A 843 22.23 -1.23 26.85
C LYS A 843 22.65 0.17 27.27
N GLN A 844 21.87 1.16 26.85
CA GLN A 844 22.07 2.59 27.14
C GLN A 844 20.70 3.27 27.17
N SER A 845 20.60 4.42 27.81
CA SER A 845 19.43 5.32 27.68
C SER A 845 19.38 5.86 26.25
N VAL A 846 18.32 5.56 25.51
CA VAL A 846 18.19 6.02 24.10
C VAL A 846 17.75 7.49 24.10
N THR A 847 17.24 8.01 25.22
CA THR A 847 16.80 9.42 25.35
C THR A 847 17.96 10.31 25.80
N ALA A 848 18.81 9.83 26.71
CA ALA A 848 19.88 10.65 27.33
C ALA A 848 21.13 10.68 26.44
N LYS A 849 21.44 9.58 25.74
CA LYS A 849 22.72 9.42 25.01
C LYS A 849 22.48 9.01 23.56
N ASP A 850 23.21 9.64 22.65
CA ASP A 850 23.23 9.28 21.21
C ASP A 850 24.18 8.10 20.99
N VAL A 851 24.34 7.73 19.72
CA VAL A 851 25.33 6.73 19.23
C VAL A 851 26.00 7.32 17.98
N GLN A 852 27.33 7.30 17.96
CA GLN A 852 28.10 7.64 16.75
C GLN A 852 29.13 6.54 16.53
N ILE A 853 28.98 5.80 15.43
CA ILE A 853 29.95 4.76 14.97
C ILE A 853 30.70 5.31 13.77
N THR A 854 32.03 5.31 13.84
CA THR A 854 32.93 5.70 12.73
C THR A 854 33.66 4.44 12.27
N VAL A 855 33.60 4.18 10.97
CA VAL A 855 34.31 3.05 10.31
C VAL A 855 35.29 3.66 9.31
N LYS A 856 36.59 3.42 9.50
CA LYS A 856 37.63 3.82 8.52
C LYS A 856 37.83 2.66 7.55
N GLY A 857 37.97 2.94 6.26
CA GLY A 857 38.16 1.91 5.22
C GLY A 857 36.89 1.12 5.01
N PHE A 858 35.73 1.77 5.16
CA PHE A 858 34.42 1.17 4.85
C PHE A 858 34.31 0.99 3.34
N ILE A 859 33.89 -0.20 2.91
CA ILE A 859 33.53 -0.42 1.48
C ILE A 859 32.51 -1.55 1.42
N ASN A 860 31.55 -1.37 0.51
CA ASN A 860 30.54 -2.39 0.16
C ASN A 860 30.52 -2.52 -1.35
N LYS A 861 31.48 -3.24 -1.92
CA LYS A 861 31.68 -3.30 -3.38
C LYS A 861 31.27 -4.68 -3.88
N GLY A 862 30.49 -4.69 -4.94
CA GLY A 862 30.20 -5.87 -5.74
C GLY A 862 30.06 -5.46 -7.18
N THR A 863 30.19 -6.41 -8.11
N THR A 863 30.09 -6.45 -8.09
CA THR A 863 29.98 -6.13 -9.55
CA THR A 863 29.91 -6.24 -9.55
C THR A 863 28.52 -5.67 -9.69
C THR A 863 28.46 -5.81 -9.82
N VAL A 864 28.27 -4.75 -10.61
CA VAL A 864 26.92 -4.17 -10.85
C VAL A 864 26.49 -4.62 -12.24
N ASP A 865 25.40 -5.39 -12.33
CA ASP A 865 24.79 -5.70 -13.64
C ASP A 865 24.39 -4.37 -14.26
N GLY A 866 24.90 -4.05 -15.45
CA GLY A 866 24.60 -2.78 -16.13
C GLY A 866 25.38 -1.61 -15.57
N GLY A 867 26.35 -1.84 -14.67
CA GLY A 867 27.12 -0.76 -14.03
C GLY A 867 27.91 0.04 -15.05
N ASN A 868 28.50 -0.62 -16.03
CA ASN A 868 29.39 0.06 -17.02
C ASN A 868 28.56 0.40 -18.26
N THR A 869 28.20 1.66 -18.44
CA THR A 869 27.45 2.17 -19.62
C THR A 869 28.39 3.02 -20.48
N THR A 870 29.71 2.88 -20.27
CA THR A 870 30.72 3.61 -21.07
C THR A 870 30.89 2.84 -22.38
N VAL A 871 30.96 3.54 -23.51
CA VAL A 871 31.17 2.89 -24.83
C VAL A 871 32.50 2.14 -24.82
N ASP A 872 32.48 0.86 -25.19
CA ASP A 872 33.66 0.01 -25.50
C ASP A 872 33.88 0.06 -27.02
N ASP A 873 34.91 0.78 -27.46
CA ASP A 873 35.24 0.95 -28.91
C ASP A 873 35.46 -0.39 -29.61
N GLN A 874 35.82 -1.44 -28.88
CA GLN A 874 36.13 -2.80 -29.43
C GLN A 874 34.85 -3.63 -29.59
N LEU A 875 33.73 -3.17 -29.02
CA LEU A 875 32.44 -3.92 -29.07
C LEU A 875 31.63 -3.42 -30.27
N THR A 876 31.37 -4.32 -31.23
CA THR A 876 30.65 -4.04 -32.49
C THR A 876 29.22 -3.60 -32.20
N ILE A 877 28.71 -2.61 -32.94
CA ILE A 877 27.26 -2.29 -33.01
C ILE A 877 26.55 -3.48 -33.63
N PRO A 878 25.52 -4.06 -32.97
CA PRO A 878 24.70 -5.11 -33.59
C PRO A 878 24.29 -4.70 -35.01
N ALA A 879 24.56 -5.59 -35.98
CA ALA A 879 24.34 -5.37 -37.43
C ALA A 879 22.97 -5.91 -37.84
N ASN A 880 22.38 -5.31 -38.89
CA ASN A 880 21.18 -5.80 -39.62
C ASN A 880 19.99 -5.83 -38.65
N ILE A 881 19.72 -4.69 -38.02
CA ILE A 881 18.58 -4.52 -37.08
C ILE A 881 17.31 -4.50 -37.94
N ALA A 882 16.40 -5.45 -37.71
CA ALA A 882 15.18 -5.65 -38.53
C ALA A 882 13.97 -5.96 -37.62
N ILE A 883 12.77 -5.59 -38.09
CA ILE A 883 11.48 -6.12 -37.58
C ILE A 883 11.28 -7.51 -38.22
N ASN A 884 11.02 -8.53 -37.41
CA ASN A 884 10.59 -9.87 -37.89
C ASN A 884 9.10 -9.77 -38.24
N GLU A 885 8.79 -9.45 -39.51
CA GLU A 885 7.42 -9.11 -40.00
C GLU A 885 6.44 -10.25 -39.67
N GLU A 886 6.86 -11.50 -39.89
CA GLU A 886 6.11 -12.73 -39.52
C GLU A 886 5.47 -12.56 -38.13
N LYS A 887 6.27 -12.13 -37.15
CA LYS A 887 5.90 -12.11 -35.70
C LYS A 887 5.06 -10.88 -35.35
N THR A 888 4.93 -9.90 -36.25
CA THR A 888 4.12 -8.66 -36.04
C THR A 888 2.65 -9.04 -35.80
N THR A 889 2.06 -8.54 -34.72
CA THR A 889 0.62 -8.70 -34.36
C THR A 889 0.04 -7.33 -34.08
N PRO A 890 -1.27 -7.19 -33.75
CA PRO A 890 -1.88 -5.88 -33.51
C PRO A 890 -1.39 -5.12 -32.27
N SER A 891 -0.69 -5.80 -31.35
CA SER A 891 -0.31 -5.28 -30.00
C SER A 891 1.20 -5.38 -29.73
N SER A 892 1.95 -6.13 -30.55
CA SER A 892 3.37 -6.48 -30.28
C SER A 892 4.22 -6.32 -31.55
N LEU A 893 5.53 -6.15 -31.34
CA LEU A 893 6.57 -6.12 -32.39
C LEU A 893 7.77 -6.96 -31.92
N THR A 894 8.42 -7.68 -32.84
CA THR A 894 9.67 -8.46 -32.57
C THR A 894 10.81 -7.84 -33.38
N LEU A 895 11.85 -7.39 -32.66
CA LEU A 895 13.10 -6.83 -33.23
C LEU A 895 14.16 -7.95 -33.23
N GLN A 896 14.95 -8.06 -34.30
CA GLN A 896 16.03 -9.06 -34.43
C GLN A 896 17.27 -8.36 -35.01
N TRP A 897 18.43 -8.97 -34.83
CA TRP A 897 19.74 -8.37 -35.20
C TRP A 897 20.79 -9.48 -35.21
N ASP A 898 21.96 -9.20 -35.78
CA ASP A 898 23.06 -10.20 -35.88
C ASP A 898 23.76 -10.29 -34.53
N GLN A 899 24.10 -11.50 -34.11
CA GLN A 899 24.96 -11.77 -32.92
C GLN A 899 26.18 -10.84 -32.96
N VAL A 900 26.62 -10.39 -31.80
CA VAL A 900 27.99 -9.83 -31.57
C VAL A 900 28.70 -10.84 -30.67
N THR A 901 29.81 -11.41 -31.15
CA THR A 901 30.51 -12.58 -30.55
C THR A 901 30.95 -12.24 -29.11
N GLU A 902 31.32 -10.97 -28.87
CA GLU A 902 31.90 -10.50 -27.58
C GLU A 902 30.79 -10.02 -26.63
N ALA A 903 29.53 -9.96 -27.08
CA ALA A 903 28.36 -9.52 -26.29
C ALA A 903 27.92 -10.61 -25.30
N THR A 904 27.72 -10.24 -24.03
CA THR A 904 27.18 -11.14 -22.96
C THR A 904 25.67 -10.91 -22.83
N SER A 905 25.15 -9.85 -23.45
CA SER A 905 23.70 -9.50 -23.53
C SER A 905 23.53 -8.32 -24.47
N TYR A 906 22.28 -7.88 -24.65
CA TYR A 906 21.92 -6.71 -25.47
C TYR A 906 20.98 -5.80 -24.67
N GLU A 907 20.96 -4.54 -25.06
CA GLU A 907 19.90 -3.60 -24.64
C GLU A 907 19.16 -3.13 -25.89
N VAL A 908 17.86 -2.92 -25.76
CA VAL A 908 16.98 -2.38 -26.82
C VAL A 908 16.26 -1.16 -26.25
N GLU A 909 16.42 -0.01 -26.90
CA GLU A 909 15.71 1.22 -26.53
C GLU A 909 14.38 1.20 -27.28
N ARG A 910 13.26 1.13 -26.55
CA ARG A 910 11.87 1.10 -27.07
C ARG A 910 11.22 2.46 -26.80
N ASP A 911 11.12 3.31 -27.82
CA ASP A 911 10.46 4.65 -27.71
C ASP A 911 11.09 5.41 -26.54
N GLY A 912 12.42 5.36 -26.41
CA GLY A 912 13.20 6.08 -25.39
C GLY A 912 13.44 5.27 -24.13
N THR A 913 12.76 4.13 -23.95
CA THR A 913 12.84 3.26 -22.74
C THR A 913 13.88 2.16 -22.96
N VAL A 914 14.93 2.13 -22.16
CA VAL A 914 16.03 1.13 -22.29
C VAL A 914 15.59 -0.18 -21.61
N PHE A 915 15.46 -1.26 -22.39
CA PHE A 915 15.26 -2.65 -21.94
C PHE A 915 16.60 -3.38 -21.91
N GLY A 916 16.88 -4.09 -20.81
CA GLY A 916 18.13 -4.84 -20.62
C GLY A 916 17.91 -6.29 -20.27
N ASN A 917 19.02 -7.01 -20.06
CA ASN A 917 19.05 -8.46 -19.72
C ASN A 917 18.51 -9.27 -20.90
N ILE A 918 18.61 -8.74 -22.13
CA ILE A 918 18.20 -9.48 -23.37
C ILE A 918 19.36 -10.44 -23.70
N GLN A 919 19.12 -11.76 -23.58
CA GLN A 919 20.18 -12.80 -23.53
C GLN A 919 20.37 -13.47 -24.90
N THR A 920 19.54 -13.13 -25.89
CA THR A 920 19.64 -13.63 -27.29
C THR A 920 19.43 -12.47 -28.26
N ASN A 921 19.61 -12.71 -29.56
CA ASN A 921 19.66 -11.64 -30.61
C ASN A 921 18.24 -11.39 -31.16
N THR A 922 17.23 -11.42 -30.29
CA THR A 922 15.85 -10.96 -30.60
C THR A 922 15.17 -10.51 -29.29
N ALA A 923 14.15 -9.65 -29.40
CA ALA A 923 13.30 -9.19 -28.29
C ALA A 923 11.91 -8.80 -28.82
N THR A 924 10.85 -9.11 -28.06
CA THR A 924 9.44 -8.74 -28.39
C THR A 924 8.94 -7.73 -27.36
N PHE A 925 8.14 -6.76 -27.80
CA PHE A 925 7.58 -5.66 -26.95
C PHE A 925 6.06 -5.63 -27.13
N ASP A 926 5.33 -5.73 -26.02
CA ASP A 926 3.85 -5.90 -25.97
C ASP A 926 3.18 -4.61 -25.49
N GLY A 927 1.84 -4.55 -25.55
CA GLY A 927 1.01 -3.48 -24.98
C GLY A 927 1.00 -2.24 -25.85
N PHE A 928 1.01 -2.41 -27.18
CA PHE A 928 0.90 -1.32 -28.18
C PHE A 928 -0.52 -1.29 -28.77
N SER A 929 -0.95 -0.10 -29.22
CA SER A 929 -2.25 0.16 -29.88
C SER A 929 -2.25 -0.45 -31.29
N PHE A 930 -3.43 -0.61 -31.90
CA PHE A 930 -3.60 -1.05 -33.31
C PHE A 930 -2.92 -0.03 -34.24
N LEU A 931 -2.28 -0.51 -35.31
CA LEU A 931 -1.70 0.34 -36.39
C LEU A 931 -0.90 1.50 -35.79
N SER A 932 -0.04 1.21 -34.79
CA SER A 932 0.79 2.20 -34.07
C SER A 932 2.27 2.02 -34.44
N GLU A 933 3.03 3.13 -34.45
CA GLU A 933 4.46 3.18 -34.87
C GLU A 933 5.36 3.35 -33.64
N HIS A 934 6.46 2.60 -33.58
CA HIS A 934 7.41 2.59 -32.44
C HIS A 934 8.85 2.60 -32.96
N THR A 935 9.76 3.26 -32.24
CA THR A 935 11.18 3.49 -32.61
C THR A 935 12.09 2.66 -31.71
N PHE A 936 13.03 1.91 -32.32
CA PHE A 936 13.97 1.00 -31.64
C PHE A 936 15.42 1.33 -32.02
N ARG A 937 16.30 1.26 -31.03
CA ARG A 937 17.77 1.15 -31.21
C ARG A 937 18.25 -0.05 -30.40
N VAL A 938 19.38 -0.63 -30.77
CA VAL A 938 19.99 -1.79 -30.07
C VAL A 938 21.46 -1.47 -29.79
N ARG A 939 21.98 -1.96 -28.65
CA ARG A 939 23.44 -1.98 -28.41
C ARG A 939 23.82 -3.30 -27.75
N ALA A 940 25.08 -3.70 -27.93
CA ALA A 940 25.70 -4.86 -27.27
C ALA A 940 26.16 -4.42 -25.88
N VAL A 941 26.14 -5.36 -24.95
CA VAL A 941 26.76 -5.26 -23.61
C VAL A 941 27.84 -6.33 -23.55
N GLY A 942 29.06 -5.97 -23.18
CA GLY A 942 30.17 -6.93 -23.00
C GLY A 942 30.72 -6.80 -21.61
N LYS A 943 31.84 -7.44 -21.30
CA LYS A 943 32.41 -7.40 -19.93
C LYS A 943 33.17 -6.09 -19.69
N ASN A 944 33.19 -5.16 -20.66
CA ASN A 944 34.00 -3.91 -20.61
C ASN A 944 33.16 -2.72 -21.10
N GLY A 945 31.84 -2.74 -20.89
CA GLY A 945 30.95 -1.64 -21.31
C GLY A 945 30.08 -2.03 -22.49
N VAL A 946 29.60 -1.04 -23.22
CA VAL A 946 28.52 -1.18 -24.24
C VAL A 946 29.03 -0.71 -25.60
N SER A 947 28.40 -1.22 -26.66
CA SER A 947 28.59 -0.67 -28.02
C SER A 947 27.88 0.69 -28.12
N GLU A 948 28.20 1.47 -29.15
CA GLU A 948 27.37 2.60 -29.59
C GLU A 948 25.96 2.07 -29.87
N TRP A 949 24.96 2.92 -29.72
CA TRP A 949 23.57 2.64 -30.16
C TRP A 949 23.56 2.51 -31.68
N SER A 950 22.85 1.50 -32.20
CA SER A 950 22.53 1.37 -33.65
C SER A 950 21.74 2.60 -34.11
N GLU A 951 21.60 2.75 -35.43
CA GLU A 951 20.67 3.74 -36.02
C GLU A 951 19.25 3.35 -35.62
N PRO A 952 18.30 4.31 -35.47
CA PRO A 952 16.92 3.98 -35.14
C PRO A 952 16.24 3.22 -36.30
N ILE A 953 15.38 2.25 -35.95
CA ILE A 953 14.50 1.49 -36.89
C ILE A 953 13.05 1.66 -36.43
N LYS A 954 12.10 1.62 -37.35
CA LYS A 954 10.64 1.75 -37.07
C LYS A 954 9.92 0.41 -37.31
N GLY A 955 8.85 0.17 -36.56
CA GLY A 955 7.89 -0.92 -36.77
C GLY A 955 6.46 -0.44 -36.56
N LYS A 956 5.51 -0.95 -37.37
CA LYS A 956 4.05 -0.71 -37.24
C LYS A 956 3.36 -2.01 -36.81
N THR A 957 2.51 -1.95 -35.78
CA THR A 957 1.57 -3.03 -35.41
C THR A 957 0.47 -3.12 -36.48
N GLN A 958 -0.13 -4.30 -36.67
CA GLN A 958 -1.24 -4.52 -37.63
C GLN A 958 -2.57 -4.21 -36.92
#